data_9IRB
#
_entry.id   9IRB
#
_cell.length_a   1.00
_cell.length_b   1.00
_cell.length_c   1.00
_cell.angle_alpha   90.00
_cell.angle_beta   90.00
_cell.angle_gamma   90.00
#
_symmetry.space_group_name_H-M   'P 1'
#
loop_
_entity.id
_entity.type
_entity.pdbx_description
1 polymer 'Solute carrier family 15 member 4'
2 polymer 'Fab107 heavy chain'
3 polymer 'Fab107 light chain'
#
loop_
_entity_poly.entity_id
_entity_poly.type
_entity_poly.pdbx_seq_one_letter_code
_entity_poly.pdbx_strand_id
1 'polypeptide(L)'
;MEGSGGGAGERAPLLGARRAAAAAAAAGAFAGRRAACGAVLLTELLERAAFYGITSNLVLFLNGAPFCWEGAQASEALLL
FMGLTYLGSPFGGWLADARLGRARAILLSLALYLLGMLAFPLLAAPATRAALCGSARLLNCTAPGPDAAARCCSPATFAG
LVLVGLGVATVKANITPFGADQVKDRGPEATRRFFNWFYWSINLGAILSLGGIAYIQQNVSFVTGYAIPTVCVGLAFVVF
LCGQSVFITKPPDGSAFTDMFKILTYSCCSQKRSGERQSNGEGIGVFQQSSKQSLFDSCKMSHGGPFTEEKVEDVKALVK
IVPVFLALIPYWTVYFQMQTTYVLQSLHLRIPEISNITTTPHTLPAAWLTMFDAVLILLLIPLKDKLVDPILRRHGLLPS
SLKRIAVGMFFVMCSAFAAGILESKRLNLVKEKTINQTIGNVVYHAADLSLWWQVPQYLLIGISEIFASIAGLEFAYSAA
PKSMQSAIMGLFFFFSGVGSFVGSGLLALVSIKAIGWMSSHTDFGNINGCYLNYYFFLLAAIQGATLLLFLIISVKYDHH
RDHQRSRANGVPTSRRAKLGSENLYFQGGSGGSGHHHHHHHH
;
A
2 'polypeptide(L)'
;QVQLQQPGTELVRPGASVKLSCKASGYSFTRYWMNWVKQRPGQGLEWIGMVHPSDSETRLNQNFKDKATLTVDKSSSIAY
MQLSSPTSEDSAVYYCARWGAYYKYDWDYFDSWGQGTTLTVSS
;
H
3 'polypeptide(L)'
;DIVMTQSQKFMSTSVGDRVSVTCKASQNVGTNVVWYQQKPGQSPKVLIYSASYRYSGVPDRITGSGSGTDFTLTISNVQS
EDLAEYFCQQYNNFPYTFGGGTNLEIK
;
L
#
# COMPACT_ATOMS: atom_id res chain seq x y z
N ARG A 33 -30.96 24.41 -1.40
CA ARG A 33 -31.72 23.21 -1.04
C ARG A 33 -30.81 22.15 -0.43
N ARG A 34 -31.34 21.37 0.50
CA ARG A 34 -30.57 20.31 1.13
C ARG A 34 -30.74 18.97 0.44
N ALA A 35 -31.85 18.75 -0.28
CA ALA A 35 -32.03 17.50 -1.00
C ALA A 35 -31.01 17.37 -2.13
N ALA A 36 -30.85 18.41 -2.93
CA ALA A 36 -29.85 18.39 -3.99
C ALA A 36 -28.44 18.32 -3.44
N CYS A 37 -28.15 19.10 -2.39
CA CYS A 37 -26.84 19.10 -1.77
C CYS A 37 -26.55 17.83 -1.00
N GLY A 38 -27.55 16.99 -0.77
CA GLY A 38 -27.32 15.70 -0.16
C GLY A 38 -27.16 14.63 -1.22
N ALA A 39 -27.94 14.74 -2.31
CA ALA A 39 -27.80 13.81 -3.41
C ALA A 39 -26.42 13.92 -4.05
N VAL A 40 -25.91 15.14 -4.22
CA VAL A 40 -24.58 15.31 -4.79
C VAL A 40 -23.52 14.70 -3.89
N LEU A 41 -23.62 14.94 -2.58
CA LEU A 41 -22.64 14.38 -1.66
C LEU A 41 -22.70 12.86 -1.65
N LEU A 42 -23.90 12.29 -1.69
CA LEU A 42 -24.04 10.84 -1.68
C LEU A 42 -23.48 10.22 -2.96
N THR A 43 -23.78 10.82 -4.12
CA THR A 43 -23.26 10.24 -5.36
C THR A 43 -21.75 10.40 -5.46
N GLU A 44 -21.20 11.50 -4.92
CA GLU A 44 -19.74 11.61 -4.88
C GLU A 44 -19.14 10.60 -3.93
N LEU A 45 -19.80 10.33 -2.81
CA LEU A 45 -19.34 9.30 -1.88
C LEU A 45 -19.27 7.95 -2.57
N LEU A 46 -20.33 7.60 -3.31
CA LEU A 46 -20.35 6.31 -4.00
C LEU A 46 -19.32 6.24 -5.11
N GLU A 47 -19.15 7.33 -5.87
CA GLU A 47 -18.14 7.35 -6.91
C GLU A 47 -16.74 7.20 -6.34
N ARG A 48 -16.46 7.89 -5.23
CA ARG A 48 -15.15 7.76 -4.60
C ARG A 48 -14.94 6.36 -4.03
N ALA A 49 -15.99 5.77 -3.46
CA ALA A 49 -15.87 4.40 -2.96
C ALA A 49 -15.52 3.44 -4.09
N ALA A 50 -16.19 3.58 -5.24
CA ALA A 50 -15.86 2.74 -6.38
C ALA A 50 -14.44 2.97 -6.88
N PHE A 51 -14.03 4.24 -6.99
CA PHE A 51 -12.70 4.55 -7.49
C PHE A 51 -11.62 3.96 -6.58
N TYR A 52 -11.77 4.13 -5.27
CA TYR A 52 -10.76 3.62 -4.35
C TYR A 52 -10.83 2.11 -4.21
N GLY A 53 -12.01 1.50 -4.42
CA GLY A 53 -12.07 0.05 -4.50
C GLY A 53 -11.41 -0.52 -5.73
N ILE A 54 -11.35 0.28 -6.80
CA ILE A 54 -10.60 -0.16 -7.99
C ILE A 54 -9.11 0.01 -7.77
N THR A 55 -8.68 1.22 -7.37
CA THR A 55 -7.25 1.52 -7.35
C THR A 55 -6.51 0.78 -6.24
N SER A 56 -7.17 0.53 -5.11
CA SER A 56 -6.46 0.02 -3.94
C SER A 56 -5.84 -1.35 -4.21
N ASN A 57 -6.58 -2.24 -4.86
CA ASN A 57 -6.11 -3.60 -5.14
C ASN A 57 -6.24 -3.91 -6.62
N LEU A 58 -5.78 -2.99 -7.46
CA LEU A 58 -5.75 -3.24 -8.90
C LEU A 58 -4.46 -3.93 -9.32
N VAL A 59 -3.31 -3.45 -8.82
CA VAL A 59 -2.03 -4.06 -9.17
C VAL A 59 -1.98 -5.50 -8.70
N LEU A 60 -2.44 -5.76 -7.48
CA LEU A 60 -2.41 -7.12 -6.95
C LEU A 60 -3.48 -8.00 -7.61
N PHE A 61 -4.57 -7.41 -8.09
CA PHE A 61 -5.57 -8.17 -8.83
C PHE A 61 -5.00 -8.71 -10.13
N LEU A 62 -4.27 -7.87 -10.87
CA LEU A 62 -3.68 -8.32 -12.13
C LEU A 62 -2.46 -9.19 -11.90
N ASN A 63 -1.67 -8.89 -10.87
CA ASN A 63 -0.49 -9.70 -10.57
C ASN A 63 -0.86 -11.12 -10.20
N GLY A 64 -1.92 -11.28 -9.41
CA GLY A 64 -2.31 -12.60 -8.95
C GLY A 64 -2.95 -13.43 -10.05
N ALA A 65 -3.04 -14.72 -9.77
CA ALA A 65 -3.65 -15.65 -10.70
C ALA A 65 -5.16 -15.37 -10.79
N PRO A 66 -5.80 -15.70 -11.92
CA PRO A 66 -5.24 -16.32 -13.14
C PRO A 66 -4.77 -15.29 -14.17
N PHE A 67 -4.80 -14.00 -13.83
CA PHE A 67 -4.33 -12.99 -14.76
C PHE A 67 -2.86 -13.16 -15.07
N CYS A 68 -2.05 -13.42 -14.04
CA CYS A 68 -0.62 -13.69 -14.19
C CYS A 68 0.10 -12.58 -14.93
N TRP A 69 -0.24 -11.34 -14.60
CA TRP A 69 0.46 -10.21 -15.20
C TRP A 69 1.88 -10.12 -14.66
N GLU A 70 2.74 -9.44 -15.42
CA GLU A 70 4.13 -9.25 -15.00
C GLU A 70 4.19 -8.30 -13.80
N GLY A 71 5.38 -8.21 -13.21
CA GLY A 71 5.56 -7.38 -12.03
C GLY A 71 5.28 -5.91 -12.30
N ALA A 72 5.76 -5.39 -13.43
CA ALA A 72 5.58 -3.99 -13.77
C ALA A 72 4.41 -3.73 -14.70
N GLN A 73 3.84 -4.77 -15.32
CA GLN A 73 2.71 -4.56 -16.23
C GLN A 73 1.48 -4.09 -15.49
N ALA A 74 1.20 -4.65 -14.32
CA ALA A 74 0.05 -4.21 -13.54
C ALA A 74 0.24 -2.77 -13.05
N SER A 75 1.45 -2.42 -12.62
CA SER A 75 1.72 -1.05 -12.22
C SER A 75 1.59 -0.09 -13.40
N GLU A 76 2.02 -0.50 -14.58
CA GLU A 76 1.84 0.32 -15.78
C GLU A 76 0.36 0.50 -16.10
N ALA A 77 -0.44 -0.56 -15.95
CA ALA A 77 -1.87 -0.44 -16.19
C ALA A 77 -2.51 0.52 -15.21
N LEU A 78 -2.14 0.43 -13.93
CA LEU A 78 -2.68 1.37 -12.94
C LEU A 78 -2.26 2.80 -13.24
N LEU A 79 -1.00 2.99 -13.63
CA LEU A 79 -0.52 4.32 -13.98
C LEU A 79 -1.26 4.88 -15.18
N LEU A 80 -1.51 4.05 -16.18
CA LEU A 80 -2.27 4.48 -17.35
C LEU A 80 -3.70 4.84 -16.96
N PHE A 81 -4.31 4.06 -16.07
CA PHE A 81 -5.68 4.37 -15.63
C PHE A 81 -5.73 5.70 -14.90
N MET A 82 -4.78 5.94 -13.99
CA MET A 82 -4.76 7.22 -13.27
C MET A 82 -4.47 8.38 -14.20
N GLY A 83 -3.53 8.19 -15.13
CA GLY A 83 -3.26 9.22 -16.11
C GLY A 83 -4.47 9.53 -16.98
N LEU A 84 -5.28 8.51 -17.30
CA LEU A 84 -6.51 8.76 -18.01
C LEU A 84 -7.50 9.55 -17.17
N THR A 85 -7.65 9.17 -15.89
CA THR A 85 -8.54 9.91 -15.00
C THR A 85 -8.13 11.38 -14.87
N TYR A 86 -6.84 11.68 -14.98
CA TYR A 86 -6.37 13.05 -14.91
C TYR A 86 -6.41 13.79 -16.25
N LEU A 87 -6.19 13.08 -17.35
CA LEU A 87 -6.11 13.73 -18.65
C LEU A 87 -7.49 13.96 -19.27
N GLY A 88 -8.45 13.07 -18.99
CA GLY A 88 -9.78 13.28 -19.52
C GLY A 88 -10.61 14.29 -18.78
N SER A 89 -10.10 14.83 -17.66
CA SER A 89 -10.87 15.79 -16.88
C SER A 89 -11.15 17.09 -17.62
N PRO A 90 -10.18 17.76 -18.24
CA PRO A 90 -10.53 18.97 -18.99
C PRO A 90 -11.49 18.71 -20.14
N PHE A 91 -11.35 17.60 -20.84
CA PHE A 91 -12.29 17.25 -21.89
C PHE A 91 -13.65 16.86 -21.33
N GLY A 92 -13.67 16.19 -20.18
CA GLY A 92 -14.94 15.92 -19.52
C GLY A 92 -15.67 17.17 -19.10
N GLY A 93 -14.92 18.19 -18.65
CA GLY A 93 -15.51 19.48 -18.36
C GLY A 93 -15.98 20.22 -19.59
N TRP A 94 -15.21 20.18 -20.67
CA TRP A 94 -15.64 20.80 -21.90
C TRP A 94 -16.90 20.15 -22.45
N LEU A 95 -17.02 18.82 -22.31
CA LEU A 95 -18.23 18.13 -22.76
C LEU A 95 -19.46 18.62 -22.01
N ALA A 96 -19.34 18.83 -20.70
CA ALA A 96 -20.45 19.32 -19.89
C ALA A 96 -20.70 20.81 -20.06
N ASP A 97 -19.71 21.58 -20.52
CA ASP A 97 -19.89 23.00 -20.69
C ASP A 97 -20.12 23.43 -22.13
N ALA A 98 -20.11 22.51 -23.06
CA ALA A 98 -20.33 22.87 -24.46
C ALA A 98 -21.41 22.05 -25.14
N ARG A 99 -21.52 20.76 -24.81
CA ARG A 99 -22.40 19.86 -25.56
C ARG A 99 -23.56 19.34 -24.72
N LEU A 100 -23.29 18.69 -23.58
CA LEU A 100 -24.31 17.93 -22.88
C LEU A 100 -24.93 18.67 -21.70
N GLY A 101 -24.22 19.61 -21.10
CA GLY A 101 -24.67 20.20 -19.85
C GLY A 101 -24.08 19.47 -18.65
N ARG A 102 -24.02 20.20 -17.54
CA ARG A 102 -23.39 19.64 -16.34
C ARG A 102 -24.18 18.45 -15.79
N ALA A 103 -25.51 18.54 -15.81
CA ALA A 103 -26.32 17.49 -15.19
C ALA A 103 -26.30 16.21 -16.03
N ARG A 104 -26.45 16.33 -17.34
CA ARG A 104 -26.51 15.15 -18.20
C ARG A 104 -25.15 14.50 -18.41
N ALA A 105 -24.07 15.28 -18.40
CA ALA A 105 -22.73 14.73 -18.54
C ALA A 105 -22.36 13.84 -17.37
N ILE A 106 -22.74 14.19 -16.14
CA ILE A 106 -22.51 13.30 -15.00
C ILE A 106 -23.29 12.00 -15.14
N LEU A 107 -24.54 12.04 -15.62
CA LEU A 107 -25.29 10.82 -15.83
C LEU A 107 -24.62 9.93 -16.88
N LEU A 108 -24.21 10.53 -18.01
CA LEU A 108 -23.55 9.75 -19.05
C LEU A 108 -22.23 9.18 -18.56
N SER A 109 -21.46 9.97 -17.82
CA SER A 109 -20.17 9.52 -17.33
C SER A 109 -20.34 8.44 -16.27
N LEU A 110 -21.40 8.51 -15.46
CA LEU A 110 -21.65 7.45 -14.50
C LEU A 110 -22.12 6.17 -15.19
N ALA A 111 -22.87 6.30 -16.29
CA ALA A 111 -23.22 5.12 -17.07
C ALA A 111 -21.98 4.46 -17.66
N LEU A 112 -21.07 5.26 -18.22
CA LEU A 112 -19.81 4.72 -18.72
C LEU A 112 -18.97 4.13 -17.60
N TYR A 113 -18.98 4.80 -16.44
CA TYR A 113 -18.30 4.29 -15.26
C TYR A 113 -18.81 2.90 -14.90
N LEU A 114 -20.13 2.74 -14.82
CA LEU A 114 -20.70 1.44 -14.47
C LEU A 114 -20.40 0.39 -15.53
N LEU A 115 -20.47 0.77 -16.81
CA LEU A 115 -20.18 -0.18 -17.88
C LEU A 115 -18.73 -0.65 -17.81
N GLY A 116 -17.80 0.25 -17.53
CA GLY A 116 -16.41 -0.16 -17.40
C GLY A 116 -16.12 -0.88 -16.10
N MET A 117 -16.90 -0.60 -15.06
CA MET A 117 -16.74 -1.31 -13.79
C MET A 117 -17.21 -2.74 -13.89
N LEU A 118 -18.25 -3.00 -14.70
CA LEU A 118 -18.80 -4.34 -14.81
C LEU A 118 -17.78 -5.36 -15.28
N ALA A 119 -16.71 -4.93 -15.95
CA ALA A 119 -15.69 -5.86 -16.41
C ALA A 119 -14.98 -6.54 -15.26
N PHE A 120 -14.70 -5.80 -14.17
CA PHE A 120 -13.88 -6.36 -13.10
C PHE A 120 -14.56 -7.51 -12.37
N PRO A 121 -15.82 -7.41 -11.92
CA PRO A 121 -16.47 -8.61 -11.38
C PRO A 121 -16.59 -9.73 -12.40
N LEU A 122 -16.81 -9.37 -13.67
CA LEU A 122 -16.89 -10.39 -14.72
C LEU A 122 -15.55 -11.08 -14.91
N LEU A 123 -14.46 -10.32 -14.87
CA LEU A 123 -13.13 -10.92 -15.05
C LEU A 123 -12.74 -11.75 -13.84
N ALA A 124 -12.99 -11.25 -12.63
CA ALA A 124 -12.62 -11.97 -11.42
C ALA A 124 -13.39 -13.28 -11.30
N ALA A 125 -14.69 -13.25 -11.59
CA ALA A 125 -15.49 -14.46 -11.52
C ALA A 125 -15.08 -15.42 -12.64
N PRO A 126 -14.77 -16.68 -12.34
CA PRO A 126 -14.35 -17.60 -13.39
C PRO A 126 -15.48 -18.16 -14.22
N ALA A 127 -16.73 -18.03 -13.77
CA ALA A 127 -17.86 -18.49 -14.57
C ALA A 127 -18.13 -17.53 -15.73
N THR A 128 -18.03 -16.23 -15.48
CA THR A 128 -18.29 -15.21 -16.50
C THR A 128 -17.02 -14.68 -17.15
N ARG A 129 -15.85 -15.20 -16.78
CA ARG A 129 -14.62 -14.73 -17.39
C ARG A 129 -14.47 -15.21 -18.82
N ALA A 130 -15.06 -16.37 -19.15
CA ALA A 130 -14.93 -16.92 -20.49
C ALA A 130 -15.53 -16.00 -21.55
N ALA A 131 -16.61 -15.29 -21.20
CA ALA A 131 -17.21 -14.36 -22.15
C ALA A 131 -16.26 -13.22 -22.50
N LEU A 132 -15.62 -12.62 -21.50
CA LEU A 132 -14.68 -11.53 -21.75
C LEU A 132 -13.35 -12.04 -22.29
N CYS A 133 -12.87 -13.17 -21.79
CA CYS A 133 -11.61 -13.73 -22.25
C CYS A 133 -11.80 -15.14 -22.80
N ALA A 150 -1.64 -6.23 -20.91
CA ALA A 150 -0.51 -6.84 -21.59
C ALA A 150 -0.36 -8.30 -21.19
N ARG A 151 -1.47 -9.05 -21.20
CA ARG A 151 -1.45 -10.45 -20.82
C ARG A 151 -2.68 -11.12 -21.46
N CYS A 152 -3.05 -12.29 -20.95
CA CYS A 152 -4.13 -13.07 -21.56
C CYS A 152 -5.45 -12.32 -21.56
N CYS A 153 -5.80 -11.68 -20.44
CA CYS A 153 -7.04 -10.92 -20.32
C CYS A 153 -6.83 -9.43 -20.55
N SER A 154 -5.86 -9.07 -21.38
CA SER A 154 -5.54 -7.66 -21.59
C SER A 154 -6.68 -6.83 -22.18
N PRO A 155 -7.40 -7.26 -23.24
CA PRO A 155 -8.35 -6.35 -23.89
C PRO A 155 -9.53 -5.97 -23.00
N ALA A 156 -10.13 -6.96 -22.33
CA ALA A 156 -11.28 -6.67 -21.48
C ALA A 156 -10.90 -5.77 -20.31
N THR A 157 -9.79 -6.08 -19.64
CA THR A 157 -9.38 -5.26 -18.50
C THR A 157 -8.94 -3.87 -18.94
N PHE A 158 -8.35 -3.73 -20.13
CA PHE A 158 -7.94 -2.41 -20.58
C PHE A 158 -9.12 -1.58 -21.04
N ALA A 159 -10.13 -2.21 -21.66
CA ALA A 159 -11.36 -1.49 -21.97
C ALA A 159 -12.06 -1.04 -20.70
N GLY A 160 -12.10 -1.92 -19.69
CA GLY A 160 -12.68 -1.52 -18.42
C GLY A 160 -11.92 -0.38 -17.76
N LEU A 161 -10.59 -0.44 -17.79
CA LEU A 161 -9.78 0.63 -17.22
C LEU A 161 -10.00 1.94 -17.96
N VAL A 162 -10.08 1.89 -19.29
CA VAL A 162 -10.28 3.11 -20.07
C VAL A 162 -11.65 3.71 -19.76
N LEU A 163 -12.69 2.87 -19.73
CA LEU A 163 -14.03 3.37 -19.46
C LEU A 163 -14.13 3.95 -18.05
N VAL A 164 -13.56 3.27 -17.07
CA VAL A 164 -13.60 3.77 -15.69
C VAL A 164 -12.77 5.04 -15.57
N GLY A 165 -11.66 5.14 -16.30
CA GLY A 165 -10.87 6.36 -16.26
C GLY A 165 -11.61 7.54 -16.83
N LEU A 166 -12.26 7.36 -17.99
CA LEU A 166 -13.05 8.44 -18.57
C LEU A 166 -14.22 8.82 -17.67
N GLY A 167 -14.88 7.81 -17.08
CA GLY A 167 -15.97 8.10 -16.17
C GLY A 167 -15.53 8.88 -14.94
N VAL A 168 -14.41 8.47 -14.34
CA VAL A 168 -13.88 9.18 -13.18
C VAL A 168 -13.49 10.60 -13.56
N ALA A 169 -12.84 10.77 -14.71
CA ALA A 169 -12.43 12.09 -15.14
C ALA A 169 -13.62 13.01 -15.31
N THR A 170 -14.63 12.56 -16.06
CA THR A 170 -15.79 13.41 -16.31
C THR A 170 -16.58 13.68 -15.04
N VAL A 171 -16.76 12.66 -14.17
CA VAL A 171 -17.49 12.86 -12.93
C VAL A 171 -16.75 13.84 -12.03
N LYS A 172 -15.43 13.69 -11.90
CA LYS A 172 -14.66 14.61 -11.06
C LYS A 172 -14.73 16.02 -11.61
N ALA A 173 -14.65 16.18 -12.94
CA ALA A 173 -14.67 17.51 -13.52
C ALA A 173 -16.04 18.17 -13.38
N ASN A 174 -17.13 17.40 -13.42
CA ASN A 174 -18.45 17.98 -13.50
C ASN A 174 -19.22 18.01 -12.18
N ILE A 175 -18.96 17.09 -11.25
CA ILE A 175 -19.84 16.94 -10.10
C ILE A 175 -19.51 17.95 -9.00
N THR A 176 -18.27 18.40 -8.91
CA THR A 176 -17.98 19.38 -7.87
C THR A 176 -18.43 20.80 -8.24
N PRO A 177 -18.32 21.26 -9.50
CA PRO A 177 -18.98 22.54 -9.79
C PRO A 177 -20.49 22.42 -9.84
N PHE A 178 -21.01 21.29 -10.32
CA PHE A 178 -22.46 21.06 -10.26
C PHE A 178 -22.93 21.00 -8.82
N GLY A 179 -22.14 20.38 -7.94
CA GLY A 179 -22.48 20.38 -6.53
C GLY A 179 -22.45 21.77 -5.93
N ALA A 180 -21.46 22.58 -6.31
CA ALA A 180 -21.40 23.94 -5.80
C ALA A 180 -22.57 24.78 -6.29
N ASP A 181 -23.04 24.53 -7.52
CA ASP A 181 -24.11 25.35 -8.10
C ASP A 181 -25.38 25.29 -7.27
N GLN A 182 -25.59 24.22 -6.49
CA GLN A 182 -26.82 24.10 -5.72
C GLN A 182 -26.93 25.19 -4.66
N VAL A 183 -25.82 25.51 -4.01
CA VAL A 183 -25.80 26.56 -2.98
C VAL A 183 -25.05 27.80 -3.46
N LYS A 184 -24.71 27.86 -4.74
CA LYS A 184 -24.07 29.06 -5.27
C LYS A 184 -24.89 30.31 -5.02
N ASP A 185 -26.22 30.21 -5.16
CA ASP A 185 -27.08 31.37 -4.98
C ASP A 185 -27.13 31.86 -3.54
N ARG A 186 -26.62 31.09 -2.59
CA ARG A 186 -26.62 31.49 -1.18
C ARG A 186 -25.34 32.20 -0.77
N GLY A 187 -24.42 32.46 -1.70
CA GLY A 187 -23.23 33.21 -1.40
C GLY A 187 -21.96 32.39 -1.50
N PRO A 188 -20.81 33.01 -1.27
CA PRO A 188 -19.55 32.28 -1.30
C PRO A 188 -19.33 31.45 -0.03
N GLU A 189 -19.91 31.89 1.09
CA GLU A 189 -19.81 31.12 2.32
C GLU A 189 -20.52 29.78 2.20
N ALA A 190 -21.69 29.77 1.55
CA ALA A 190 -22.39 28.50 1.33
C ALA A 190 -21.59 27.60 0.40
N THR A 191 -20.94 28.17 -0.61
CA THR A 191 -20.10 27.38 -1.49
C THR A 191 -18.92 26.78 -0.73
N ARG A 192 -18.31 27.56 0.16
CA ARG A 192 -17.20 27.04 0.97
C ARG A 192 -17.67 25.93 1.89
N ARG A 193 -18.84 26.09 2.52
CA ARG A 193 -19.37 25.04 3.38
C ARG A 193 -19.67 23.78 2.58
N PHE A 194 -20.24 23.94 1.40
CA PHE A 194 -20.50 22.78 0.56
C PHE A 194 -19.21 22.08 0.16
N PHE A 195 -18.15 22.84 -0.11
CA PHE A 195 -16.90 22.20 -0.49
C PHE A 195 -16.26 21.49 0.70
N ASN A 196 -16.41 22.04 1.90
CA ASN A 196 -16.00 21.32 3.11
C ASN A 196 -16.70 19.97 3.17
N TRP A 197 -18.03 19.96 3.04
CA TRP A 197 -18.76 18.71 3.17
C TRP A 197 -18.58 17.81 1.95
N PHE A 198 -18.24 18.38 0.80
CA PHE A 198 -17.92 17.58 -0.38
C PHE A 198 -16.61 16.83 -0.19
N TYR A 199 -15.61 17.50 0.37
CA TYR A 199 -14.36 16.80 0.68
C TYR A 199 -14.59 15.78 1.78
N TRP A 200 -15.47 16.09 2.74
CA TRP A 200 -15.81 15.10 3.75
C TRP A 200 -16.46 13.87 3.14
N SER A 201 -17.35 14.06 2.18
CA SER A 201 -17.98 12.93 1.50
C SER A 201 -16.94 12.14 0.69
N ILE A 202 -16.02 12.85 0.02
CA ILE A 202 -14.96 12.18 -0.72
C ILE A 202 -14.15 11.28 0.21
N ASN A 203 -13.75 11.82 1.36
CA ASN A 203 -12.92 11.06 2.27
C ASN A 203 -13.69 9.99 3.02
N LEU A 204 -14.99 10.16 3.23
CA LEU A 204 -15.79 9.09 3.78
C LEU A 204 -15.96 7.95 2.79
N GLY A 205 -16.14 8.28 1.50
CA GLY A 205 -16.12 7.24 0.48
C GLY A 205 -14.79 6.52 0.43
N ALA A 206 -13.69 7.26 0.57
CA ALA A 206 -12.37 6.64 0.66
C ALA A 206 -12.23 5.74 1.88
N ILE A 207 -12.76 6.17 3.03
CA ILE A 207 -12.72 5.34 4.24
C ILE A 207 -13.48 4.05 4.02
N LEU A 208 -14.73 4.15 3.54
CA LEU A 208 -15.52 2.95 3.31
C LEU A 208 -14.85 2.03 2.30
N SER A 209 -14.34 2.60 1.20
CA SER A 209 -13.68 1.79 0.19
C SER A 209 -12.46 1.09 0.76
N LEU A 210 -11.44 1.85 1.16
CA LEU A 210 -10.20 1.26 1.62
C LEU A 210 -10.35 0.43 2.87
N GLY A 211 -11.47 0.56 3.59
CA GLY A 211 -11.68 -0.27 4.76
C GLY A 211 -12.44 -1.56 4.47
N GLY A 212 -13.59 -1.46 3.82
CA GLY A 212 -14.39 -2.63 3.55
C GLY A 212 -14.08 -3.28 2.21
N ILE A 213 -14.05 -2.48 1.14
CA ILE A 213 -13.87 -3.04 -0.19
C ILE A 213 -12.49 -3.67 -0.32
N ALA A 214 -11.45 -3.00 0.17
CA ALA A 214 -10.10 -3.55 0.09
C ALA A 214 -9.98 -4.81 0.94
N TYR A 215 -10.54 -4.80 2.15
CA TYR A 215 -10.48 -5.99 2.99
C TYR A 215 -11.20 -7.16 2.35
N ILE A 216 -12.36 -6.91 1.74
CA ILE A 216 -13.10 -7.98 1.08
C ILE A 216 -12.36 -8.47 -0.15
N GLN A 217 -11.73 -7.55 -0.89
CA GLN A 217 -10.97 -7.93 -2.07
C GLN A 217 -9.80 -8.84 -1.71
N GLN A 218 -9.08 -8.50 -0.64
CA GLN A 218 -7.88 -9.25 -0.32
C GLN A 218 -8.15 -10.51 0.50
N ASN A 219 -9.02 -10.43 1.50
CA ASN A 219 -9.20 -11.50 2.47
C ASN A 219 -10.51 -12.27 2.30
N VAL A 220 -11.37 -11.90 1.36
CA VAL A 220 -12.63 -12.62 1.20
C VAL A 220 -12.73 -13.20 -0.20
N SER A 221 -12.76 -12.32 -1.21
CA SER A 221 -12.88 -12.75 -2.61
C SER A 221 -12.77 -11.52 -3.50
N PHE A 222 -12.35 -11.75 -4.74
CA PHE A 222 -12.27 -10.68 -5.72
C PHE A 222 -13.53 -10.57 -6.57
N VAL A 223 -14.46 -11.50 -6.44
CA VAL A 223 -15.75 -11.37 -7.11
C VAL A 223 -16.69 -10.48 -6.30
N THR A 224 -16.88 -10.81 -5.03
CA THR A 224 -17.63 -9.96 -4.12
C THR A 224 -16.82 -8.78 -3.61
N GLY A 225 -15.52 -8.74 -3.88
CA GLY A 225 -14.72 -7.59 -3.53
C GLY A 225 -14.77 -6.52 -4.61
N TYR A 226 -15.06 -6.94 -5.84
CA TYR A 226 -15.18 -6.02 -6.96
C TYR A 226 -16.63 -5.78 -7.38
N ALA A 227 -17.57 -6.61 -6.90
CA ALA A 227 -18.98 -6.35 -7.19
C ALA A 227 -19.51 -5.16 -6.40
N ILE A 228 -19.00 -4.93 -5.20
CA ILE A 228 -19.48 -3.79 -4.40
C ILE A 228 -19.15 -2.44 -5.05
N PRO A 229 -17.96 -2.21 -5.60
CA PRO A 229 -17.76 -0.94 -6.34
C PRO A 229 -18.71 -0.77 -7.51
N THR A 230 -19.05 -1.85 -8.22
CA THR A 230 -20.01 -1.75 -9.30
C THR A 230 -21.39 -1.36 -8.77
N VAL A 231 -21.79 -1.95 -7.63
CA VAL A 231 -23.04 -1.58 -6.99
C VAL A 231 -22.99 -0.13 -6.53
N CYS A 232 -21.82 0.33 -6.10
CA CYS A 232 -21.66 1.73 -5.69
C CYS A 232 -21.87 2.67 -6.87
N VAL A 233 -21.30 2.33 -8.02
CA VAL A 233 -21.53 3.15 -9.22
C VAL A 233 -23.00 3.14 -9.60
N GLY A 234 -23.63 1.96 -9.55
CA GLY A 234 -25.05 1.88 -9.84
C GLY A 234 -25.89 2.71 -8.88
N LEU A 235 -25.54 2.69 -7.60
CA LEU A 235 -26.25 3.49 -6.61
C LEU A 235 -26.04 4.97 -6.84
N ALA A 236 -24.83 5.37 -7.23
CA ALA A 236 -24.57 6.77 -7.55
C ALA A 236 -25.40 7.21 -8.74
N PHE A 237 -25.47 6.37 -9.78
CA PHE A 237 -26.29 6.70 -10.95
C PHE A 237 -27.76 6.81 -10.57
N VAL A 238 -28.25 5.86 -9.75
CA VAL A 238 -29.65 5.89 -9.32
C VAL A 238 -29.93 7.14 -8.50
N VAL A 239 -29.02 7.49 -7.59
CA VAL A 239 -29.19 8.67 -6.75
C VAL A 239 -29.23 9.93 -7.60
N PHE A 240 -28.34 10.03 -8.59
CA PHE A 240 -28.35 11.20 -9.46
C PHE A 240 -29.62 11.28 -10.28
N LEU A 241 -30.08 10.14 -10.82
CA LEU A 241 -31.32 10.13 -11.58
C LEU A 241 -32.50 10.56 -10.72
N CYS A 242 -32.56 10.06 -9.48
CA CYS A 242 -33.64 10.42 -8.58
C CYS A 242 -33.58 11.90 -8.21
N GLY A 243 -32.38 12.42 -7.95
CA GLY A 243 -32.22 13.81 -7.56
C GLY A 243 -32.28 14.80 -8.70
N GLN A 244 -32.32 14.31 -9.94
CA GLN A 244 -32.48 15.22 -11.08
C GLN A 244 -33.75 16.06 -10.96
N SER A 245 -34.77 15.54 -10.26
CA SER A 245 -36.01 16.30 -10.08
C SER A 245 -35.83 17.48 -9.14
N VAL A 246 -34.75 17.51 -8.36
CA VAL A 246 -34.51 18.59 -7.41
C VAL A 246 -33.23 19.36 -7.71
N PHE A 247 -32.41 18.90 -8.65
CA PHE A 247 -31.15 19.57 -8.95
C PHE A 247 -31.38 20.90 -9.65
N ILE A 248 -30.43 21.81 -9.47
CA ILE A 248 -30.41 23.09 -10.18
C ILE A 248 -29.47 22.92 -11.36
N THR A 249 -30.01 22.97 -12.57
CA THR A 249 -29.26 22.67 -13.78
C THR A 249 -29.05 23.94 -14.60
N LYS A 250 -27.80 24.22 -14.95
CA LYS A 250 -27.45 25.34 -15.81
C LYS A 250 -27.34 24.85 -17.24
N PRO A 251 -28.07 25.43 -18.18
CA PRO A 251 -28.01 24.93 -19.55
C PRO A 251 -26.63 25.14 -20.14
N PRO A 252 -26.21 24.27 -21.06
CA PRO A 252 -24.86 24.40 -21.64
C PRO A 252 -24.77 25.63 -22.54
N ASP A 253 -23.53 26.13 -22.68
CA ASP A 253 -23.23 27.27 -23.53
C ASP A 253 -22.12 26.84 -24.49
N GLY A 254 -22.52 26.33 -25.65
CA GLY A 254 -21.53 25.81 -26.60
C GLY A 254 -20.62 26.88 -27.15
N SER A 255 -21.16 28.06 -27.44
CA SER A 255 -20.37 29.14 -28.03
C SER A 255 -19.38 29.75 -27.06
N ALA A 256 -19.52 29.48 -25.75
CA ALA A 256 -18.67 30.13 -24.76
C ALA A 256 -17.20 29.85 -25.01
N PHE A 257 -16.86 28.62 -25.40
CA PHE A 257 -15.47 28.31 -25.71
C PHE A 257 -15.04 28.91 -27.04
N THR A 258 -15.97 29.04 -28.00
CA THR A 258 -15.61 29.52 -29.32
C THR A 258 -14.96 30.89 -29.26
N ASP A 259 -15.59 31.83 -28.54
CA ASP A 259 -14.96 33.12 -28.33
C ASP A 259 -13.61 32.97 -27.65
N MET A 260 -13.55 32.13 -26.62
CA MET A 260 -12.27 31.87 -25.97
C MET A 260 -11.27 31.26 -26.94
N PHE A 261 -11.75 30.49 -27.92
CA PHE A 261 -10.86 29.94 -28.93
C PHE A 261 -10.44 31.01 -29.94
N LYS A 262 -11.24 32.05 -30.12
CA LYS A 262 -10.92 33.07 -31.11
C LYS A 262 -9.80 33.98 -30.62
N ILE A 263 -9.80 34.33 -29.35
CA ILE A 263 -8.76 35.17 -28.78
C ILE A 263 -7.87 34.37 -27.84
N GLY A 304 -14.95 48.79 -28.58
CA GLY A 304 -16.04 47.82 -28.70
C GLY A 304 -15.55 46.43 -28.98
N GLY A 305 -15.03 46.21 -30.18
CA GLY A 305 -14.50 44.93 -30.58
C GLY A 305 -15.57 43.97 -31.06
N PRO A 306 -15.16 42.85 -31.66
CA PRO A 306 -16.13 41.88 -32.17
C PRO A 306 -16.80 41.05 -31.09
N PHE A 307 -16.29 41.05 -29.87
CA PHE A 307 -16.80 40.22 -28.79
C PHE A 307 -17.34 41.10 -27.66
N THR A 308 -18.35 40.59 -26.96
CA THR A 308 -18.96 41.33 -25.87
C THR A 308 -18.01 41.39 -24.67
N GLU A 309 -18.37 42.23 -23.70
CA GLU A 309 -17.53 42.40 -22.51
C GLU A 309 -17.42 41.10 -21.72
N GLU A 310 -18.53 40.37 -21.60
CA GLU A 310 -18.51 39.13 -20.83
C GLU A 310 -17.59 38.09 -21.47
N LYS A 311 -17.64 37.97 -22.80
CA LYS A 311 -16.88 36.95 -23.51
C LYS A 311 -15.39 37.27 -23.60
N VAL A 312 -14.98 38.48 -23.26
CA VAL A 312 -13.55 38.82 -23.22
C VAL A 312 -13.09 38.79 -21.77
N GLU A 313 -14.00 39.10 -20.84
CA GLU A 313 -13.66 38.99 -19.43
C GLU A 313 -13.52 37.54 -19.02
N ASP A 314 -14.23 36.62 -19.69
CA ASP A 314 -14.02 35.20 -19.43
C ASP A 314 -12.59 34.79 -19.78
N VAL A 315 -12.07 35.25 -20.91
CA VAL A 315 -10.69 34.95 -21.29
C VAL A 315 -9.71 35.66 -20.35
N LYS A 316 -10.05 36.88 -19.93
CA LYS A 316 -9.19 37.60 -18.99
C LYS A 316 -9.10 36.87 -17.66
N ALA A 317 -10.19 36.25 -17.21
CA ALA A 317 -10.16 35.46 -15.99
C ALA A 317 -9.46 34.13 -16.19
N LEU A 318 -9.59 33.52 -17.37
CA LEU A 318 -8.90 32.25 -17.63
C LEU A 318 -7.38 32.45 -17.64
N VAL A 319 -6.91 33.53 -18.27
CA VAL A 319 -5.47 33.80 -18.31
C VAL A 319 -4.93 34.28 -16.98
N LYS A 320 -5.80 34.60 -16.02
CA LYS A 320 -5.37 34.88 -14.66
C LYS A 320 -5.40 33.64 -13.78
N ILE A 321 -6.32 32.72 -14.04
CA ILE A 321 -6.40 31.49 -13.27
C ILE A 321 -5.40 30.44 -13.74
N VAL A 322 -4.92 30.53 -14.99
CA VAL A 322 -3.91 29.58 -15.45
C VAL A 322 -2.60 29.68 -14.67
N PRO A 323 -2.03 30.87 -14.43
CA PRO A 323 -0.81 30.91 -13.62
C PRO A 323 -0.97 30.35 -12.22
N VAL A 324 -2.14 30.53 -11.60
CA VAL A 324 -2.33 29.99 -10.26
C VAL A 324 -2.39 28.47 -10.31
N PHE A 325 -3.03 27.90 -11.33
CA PHE A 325 -3.04 26.46 -11.49
C PHE A 325 -1.63 25.92 -11.74
N LEU A 326 -0.83 26.65 -12.54
CA LEU A 326 0.54 26.24 -12.79
C LEU A 326 1.38 26.29 -11.51
N ALA A 327 1.18 27.32 -10.69
CA ALA A 327 1.93 27.43 -9.44
C ALA A 327 1.56 26.34 -8.45
N LEU A 328 0.38 25.73 -8.60
CA LEU A 328 -0.03 24.63 -7.74
C LEU A 328 0.54 23.29 -8.18
N ILE A 329 1.17 23.23 -9.36
CA ILE A 329 1.72 21.96 -9.83
C ILE A 329 2.76 21.38 -8.87
N PRO A 330 3.78 22.13 -8.43
CA PRO A 330 4.72 21.55 -7.47
C PRO A 330 4.08 21.13 -6.16
N TYR A 331 3.03 21.83 -5.71
CA TYR A 331 2.27 21.36 -4.56
C TYR A 331 1.67 20.00 -4.83
N TRP A 332 1.14 19.79 -6.04
CA TRP A 332 0.58 18.50 -6.39
C TRP A 332 1.65 17.42 -6.43
N THR A 333 2.84 17.74 -6.97
CA THR A 333 3.91 16.75 -6.96
C THR A 333 4.27 16.35 -5.54
N VAL A 334 4.45 17.35 -4.66
CA VAL A 334 4.82 17.07 -3.28
C VAL A 334 3.74 16.24 -2.60
N TYR A 335 2.47 16.60 -2.78
CA TYR A 335 1.39 15.93 -2.06
C TYR A 335 1.17 14.52 -2.57
N PHE A 336 1.23 14.30 -3.88
CA PHE A 336 1.09 12.95 -4.41
C PHE A 336 2.31 12.10 -4.13
N GLN A 337 3.46 12.73 -3.87
CA GLN A 337 4.61 11.97 -3.37
C GLN A 337 4.47 11.63 -1.90
N MET A 338 3.83 12.50 -1.12
CA MET A 338 3.47 12.14 0.25
C MET A 338 2.59 10.91 0.26
N GLN A 339 1.55 10.91 -0.57
CA GLN A 339 0.57 9.83 -0.54
C GLN A 339 1.19 8.47 -0.80
N THR A 340 2.36 8.42 -1.43
CA THR A 340 3.07 7.17 -1.70
C THR A 340 4.19 6.89 -0.70
N THR A 341 5.03 7.90 -0.43
CA THR A 341 6.17 7.68 0.45
C THR A 341 5.75 7.52 1.91
N TYR A 342 4.65 8.17 2.32
CA TYR A 342 4.14 7.95 3.67
C TYR A 342 3.68 6.52 3.85
N VAL A 343 3.04 5.94 2.84
CA VAL A 343 2.66 4.53 2.89
C VAL A 343 3.90 3.64 2.91
N LEU A 344 4.89 3.97 2.09
CA LEU A 344 6.14 3.20 2.08
C LEU A 344 6.78 3.20 3.47
N GLN A 345 6.80 4.35 4.13
CA GLN A 345 7.36 4.43 5.48
C GLN A 345 6.48 3.72 6.50
N SER A 346 5.16 3.81 6.31
CA SER A 346 4.23 3.10 7.22
C SER A 346 4.58 1.61 7.20
N LEU A 347 4.70 1.04 5.99
CA LEU A 347 4.97 -0.39 5.87
C LEU A 347 6.26 -0.78 6.58
N HIS A 348 7.19 0.17 6.75
CA HIS A 348 8.47 -0.10 7.41
C HIS A 348 8.51 0.49 8.81
N LEU A 349 7.35 0.71 9.42
CA LEU A 349 7.23 0.99 10.84
C LEU A 349 6.42 -0.13 11.47
N ARG A 350 6.61 -0.32 12.78
CA ARG A 350 6.00 -1.48 13.43
C ARG A 350 4.49 -1.28 13.48
N ILE A 351 3.81 -1.90 12.54
CA ILE A 351 2.34 -1.81 12.48
C ILE A 351 1.75 -2.73 13.55
N PRO A 352 0.89 -2.22 14.44
CA PRO A 352 0.28 -3.10 15.44
C PRO A 352 -0.71 -4.07 14.80
N GLU A 353 -0.30 -5.33 14.69
CA GLU A 353 -1.12 -6.32 14.00
C GLU A 353 -2.28 -6.76 14.88
N ILE A 354 -3.43 -6.96 14.25
CA ILE A 354 -4.63 -7.39 14.95
C ILE A 354 -4.71 -8.91 14.89
N SER A 355 -4.95 -9.54 16.04
CA SER A 355 -5.05 -10.99 16.15
C SER A 355 -6.47 -11.50 15.96
N ASN A 356 -7.41 -10.62 15.60
CA ASN A 356 -8.81 -10.98 15.44
C ASN A 356 -9.25 -10.96 13.98
N ILE A 357 -9.06 -9.84 13.29
CA ILE A 357 -9.46 -9.71 11.89
C ILE A 357 -8.27 -9.88 10.96
N THR A 358 -7.14 -9.28 11.28
CA THR A 358 -5.92 -9.38 10.47
C THR A 358 -5.00 -10.49 10.97
N THR A 359 -5.56 -11.55 11.54
CA THR A 359 -4.79 -12.66 12.06
C THR A 359 -4.35 -13.57 10.92
N THR A 360 -3.87 -14.77 11.25
CA THR A 360 -3.28 -15.64 10.23
C THR A 360 -4.21 -16.01 9.09
N PRO A 361 -5.48 -16.40 9.30
CA PRO A 361 -6.32 -16.76 8.14
C PRO A 361 -6.49 -15.63 7.14
N HIS A 362 -6.49 -14.38 7.60
CA HIS A 362 -6.65 -13.21 6.74
C HIS A 362 -5.32 -12.50 6.57
N THR A 363 -5.36 -11.36 5.88
CA THR A 363 -4.20 -10.52 5.66
C THR A 363 -4.55 -9.08 6.00
N LEU A 364 -3.53 -8.31 6.37
CA LEU A 364 -3.71 -6.88 6.58
C LEU A 364 -3.53 -6.17 5.24
N PRO A 365 -4.57 -5.56 4.69
CA PRO A 365 -4.42 -4.90 3.38
C PRO A 365 -3.50 -3.70 3.47
N ALA A 366 -2.80 -3.43 2.37
CA ALA A 366 -1.96 -2.25 2.27
C ALA A 366 -2.76 -0.97 2.06
N ALA A 367 -4.05 -1.08 1.77
CA ALA A 367 -4.89 0.12 1.64
C ALA A 367 -5.20 0.72 3.01
N TRP A 368 -5.23 -0.11 4.06
CA TRP A 368 -5.44 0.40 5.41
C TRP A 368 -4.34 1.36 5.80
N LEU A 369 -3.14 1.20 5.23
CA LEU A 369 -2.07 2.14 5.52
C LEU A 369 -2.27 3.46 4.79
N THR A 370 -2.93 3.43 3.64
CA THR A 370 -3.31 4.65 2.93
C THR A 370 -4.55 5.31 3.52
N MET A 371 -5.28 4.59 4.37
CA MET A 371 -6.55 5.06 4.92
C MET A 371 -6.40 6.06 6.07
N PHE A 372 -5.18 6.26 6.58
CA PHE A 372 -4.99 7.08 7.77
C PHE A 372 -5.29 8.56 7.50
N ASP A 373 -4.86 9.06 6.34
CA ASP A 373 -5.11 10.45 6.00
C ASP A 373 -6.61 10.73 5.93
N ALA A 374 -7.36 9.84 5.29
CA ALA A 374 -8.81 10.02 5.20
C ALA A 374 -9.47 9.85 6.56
N VAL A 375 -8.94 8.96 7.41
CA VAL A 375 -9.47 8.83 8.76
C VAL A 375 -9.33 10.16 9.52
N LEU A 376 -8.16 10.78 9.42
CA LEU A 376 -7.96 12.05 10.12
C LEU A 376 -8.78 13.17 9.51
N ILE A 377 -8.93 13.18 8.18
CA ILE A 377 -9.72 14.23 7.52
C ILE A 377 -11.19 14.12 7.91
N LEU A 378 -11.68 12.90 8.09
CA LEU A 378 -13.06 12.70 8.53
C LEU A 378 -13.35 13.41 9.85
N LEU A 379 -12.37 13.47 10.74
CA LEU A 379 -12.53 14.16 12.02
C LEU A 379 -12.13 15.61 11.95
N LEU A 380 -11.34 16.00 10.97
CA LEU A 380 -10.88 17.38 10.83
C LEU A 380 -11.86 18.30 10.10
N ILE A 381 -12.54 17.81 9.07
CA ILE A 381 -13.47 18.68 8.33
C ILE A 381 -14.65 19.15 9.19
N PRO A 382 -15.35 18.30 9.95
CA PRO A 382 -16.40 18.83 10.82
C PRO A 382 -15.90 19.84 11.82
N LEU A 383 -14.69 19.64 12.36
CA LEU A 383 -14.09 20.63 13.25
C LEU A 383 -13.79 21.93 12.52
N LYS A 384 -13.34 21.86 11.27
CA LYS A 384 -13.08 23.06 10.50
C LYS A 384 -14.38 23.82 10.22
N ASP A 385 -15.42 23.10 9.81
CA ASP A 385 -16.65 23.75 9.39
C ASP A 385 -17.42 24.31 10.58
N LYS A 386 -17.46 23.59 11.69
CA LYS A 386 -18.25 24.03 12.83
C LYS A 386 -17.49 24.94 13.77
N LEU A 387 -16.17 24.82 13.85
CA LEU A 387 -15.38 25.58 14.81
C LEU A 387 -14.38 26.51 14.16
N VAL A 388 -13.52 26.01 13.28
CA VAL A 388 -12.43 26.83 12.74
C VAL A 388 -12.96 27.86 11.76
N ASP A 389 -13.82 27.45 10.83
CA ASP A 389 -14.34 28.38 9.84
C ASP A 389 -15.16 29.51 10.46
N PRO A 390 -16.09 29.26 11.40
CA PRO A 390 -16.79 30.41 12.02
C PRO A 390 -15.87 31.38 12.73
N ILE A 391 -14.83 30.88 13.41
CA ILE A 391 -13.92 31.78 14.10
C ILE A 391 -13.12 32.61 13.10
N LEU A 392 -12.59 31.95 12.06
CA LEU A 392 -11.82 32.67 11.05
C LEU A 392 -12.67 33.70 10.33
N ARG A 393 -13.97 33.41 10.15
CA ARG A 393 -14.85 34.39 9.51
C ARG A 393 -15.22 35.52 10.45
N ARG A 394 -15.42 35.21 11.74
CA ARG A 394 -15.74 36.24 12.71
C ARG A 394 -14.60 37.24 12.87
N HIS A 395 -13.38 36.75 12.95
CA HIS A 395 -12.22 37.63 13.10
C HIS A 395 -11.63 38.05 11.76
N GLY A 396 -12.15 37.54 10.64
CA GLY A 396 -11.75 38.00 9.33
C GLY A 396 -10.48 37.40 8.78
N LEU A 397 -9.84 36.48 9.49
CA LEU A 397 -8.61 35.86 8.98
C LEU A 397 -8.91 34.96 7.79
N LEU A 398 -7.98 34.96 6.83
CA LEU A 398 -8.01 34.11 5.64
C LEU A 398 -9.36 34.17 4.93
N PRO A 399 -9.74 35.31 4.35
CA PRO A 399 -11.00 35.35 3.61
C PRO A 399 -10.85 34.76 2.21
N SER A 400 -9.69 34.97 1.60
CA SER A 400 -9.45 34.51 0.24
C SER A 400 -9.04 33.04 0.24
N SER A 401 -9.43 32.33 -0.82
CA SER A 401 -9.07 30.93 -0.93
C SER A 401 -7.59 30.73 -1.20
N LEU A 402 -6.94 31.70 -1.83
CA LEU A 402 -5.51 31.56 -2.13
C LEU A 402 -4.66 31.60 -0.87
N LYS A 403 -5.04 32.42 0.11
CA LYS A 403 -4.34 32.41 1.39
C LYS A 403 -4.54 31.08 2.10
N ARG A 404 -5.73 30.50 2.01
CA ARG A 404 -5.95 29.18 2.59
C ARG A 404 -5.12 28.12 1.90
N ILE A 405 -4.98 28.19 0.57
CA ILE A 405 -4.11 27.26 -0.13
C ILE A 405 -2.67 27.46 0.32
N ALA A 406 -2.27 28.69 0.56
CA ALA A 406 -0.90 28.96 1.02
C ALA A 406 -0.65 28.36 2.40
N VAL A 407 -1.61 28.50 3.32
CA VAL A 407 -1.40 27.91 4.65
C VAL A 407 -1.44 26.40 4.56
N GLY A 408 -2.24 25.84 3.64
CA GLY A 408 -2.20 24.40 3.43
C GLY A 408 -0.86 23.92 2.89
N MET A 409 -0.26 24.69 1.98
CA MET A 409 1.07 24.37 1.49
C MET A 409 2.10 24.42 2.62
N PHE A 410 1.99 25.42 3.48
CA PHE A 410 2.89 25.50 4.62
C PHE A 410 2.73 24.28 5.53
N PHE A 411 1.49 23.86 5.78
CA PHE A 411 1.28 22.72 6.65
C PHE A 411 1.77 21.42 6.00
N VAL A 412 1.64 21.29 4.69
CA VAL A 412 2.16 20.08 4.03
C VAL A 412 3.69 20.11 4.02
N MET A 413 4.31 21.28 3.94
CA MET A 413 5.75 21.36 4.09
C MET A 413 6.19 20.97 5.49
N CYS A 414 5.45 21.40 6.51
CA CYS A 414 5.73 20.97 7.87
C CYS A 414 5.56 19.47 8.01
N SER A 415 4.57 18.89 7.33
CA SER A 415 4.39 17.45 7.34
C SER A 415 5.57 16.73 6.69
N ALA A 416 6.09 17.30 5.59
CA ALA A 416 7.28 16.71 4.97
C ALA A 416 8.47 16.76 5.91
N PHE A 417 8.65 17.87 6.61
CA PHE A 417 9.76 17.98 7.57
C PHE A 417 9.60 16.97 8.71
N ALA A 418 8.38 16.82 9.22
CA ALA A 418 8.14 15.86 10.29
C ALA A 418 8.38 14.43 9.81
N ALA A 419 7.96 14.13 8.58
CA ALA A 419 8.22 12.81 8.01
C ALA A 419 9.70 12.56 7.83
N GLY A 420 10.46 13.58 7.40
CA GLY A 420 11.89 13.43 7.29
C GLY A 420 12.55 13.17 8.63
N ILE A 421 12.11 13.87 9.68
CA ILE A 421 12.65 13.64 11.01
C ILE A 421 12.35 12.22 11.47
N LEU A 422 11.09 11.79 11.29
CA LEU A 422 10.71 10.44 11.70
C LEU A 422 11.48 9.39 10.92
N GLU A 423 11.71 9.63 9.63
CA GLU A 423 12.43 8.65 8.83
C GLU A 423 13.91 8.62 9.16
N SER A 424 14.51 9.76 9.53
CA SER A 424 15.88 9.74 10.03
C SER A 424 15.96 8.92 11.31
N LYS A 425 15.01 9.13 12.22
CA LYS A 425 14.98 8.33 13.45
C LYS A 425 14.77 6.86 13.16
N ARG A 426 13.92 6.55 12.18
CA ARG A 426 13.65 5.17 11.82
C ARG A 426 14.87 4.50 11.23
N LEU A 427 15.54 5.16 10.28
CA LEU A 427 16.74 4.60 9.67
C LEU A 427 17.86 4.44 10.69
N ASN A 428 17.92 5.32 11.70
CA ASN A 428 18.80 5.05 12.82
C ASN A 428 18.36 3.81 13.59
N LEU A 429 17.05 3.63 13.74
CA LEU A 429 16.53 2.50 14.52
C LEU A 429 16.73 1.18 13.79
N VAL A 430 16.49 1.14 12.49
CA VAL A 430 16.64 -0.13 11.75
C VAL A 430 18.09 -0.18 11.30
N LYS A 431 18.95 -0.49 12.25
CA LYS A 431 20.31 -0.96 12.01
C LYS A 431 20.70 -2.10 12.93
N GLU A 432 19.98 -2.24 14.05
CA GLU A 432 20.28 -3.29 15.05
C GLU A 432 18.99 -4.01 15.47
N LYS A 433 17.83 -3.56 14.97
CA LYS A 433 16.55 -4.13 15.39
C LYS A 433 15.59 -3.98 14.22
N THR A 434 15.41 -5.05 13.45
CA THR A 434 14.49 -5.07 12.33
C THR A 434 13.52 -6.23 12.53
N ILE A 435 12.23 -5.94 12.51
CA ILE A 435 11.19 -6.94 12.71
C ILE A 435 10.51 -7.21 11.38
N ASN A 436 9.94 -8.40 11.26
CA ASN A 436 9.23 -8.81 10.06
C ASN A 436 7.74 -8.70 10.30
N GLN A 437 7.05 -7.96 9.43
CA GLN A 437 5.59 -7.87 9.49
C GLN A 437 5.02 -8.08 8.10
N THR A 438 3.92 -8.81 8.02
CA THR A 438 3.32 -9.15 6.74
C THR A 438 2.16 -8.20 6.46
N ILE A 439 2.26 -7.46 5.35
CA ILE A 439 1.16 -6.65 4.85
C ILE A 439 0.70 -7.27 3.55
N GLY A 440 -0.57 -7.62 3.47
CA GLY A 440 -1.04 -8.44 2.38
C GLY A 440 -0.34 -9.78 2.43
N ASN A 441 0.56 -10.01 1.49
CA ASN A 441 1.40 -11.21 1.50
C ASN A 441 2.87 -10.84 1.30
N VAL A 442 3.25 -9.62 1.67
CA VAL A 442 4.62 -9.13 1.54
C VAL A 442 5.19 -8.95 2.93
N VAL A 443 6.38 -9.52 3.16
CA VAL A 443 7.02 -9.49 4.47
C VAL A 443 7.95 -8.27 4.48
N TYR A 444 7.44 -7.17 4.99
CA TYR A 444 8.23 -5.95 5.14
C TYR A 444 9.08 -6.03 6.41
N HIS A 445 10.19 -5.32 6.38
CA HIS A 445 11.18 -5.33 7.45
C HIS A 445 11.13 -3.96 8.12
N ALA A 446 10.27 -3.85 9.13
CA ALA A 446 10.05 -2.60 9.82
C ALA A 446 11.08 -2.41 10.93
N ALA A 447 11.14 -1.19 11.44
CA ALA A 447 11.93 -0.90 12.62
C ALA A 447 11.09 -1.19 13.87
N ASP A 448 11.73 -1.07 15.03
CA ASP A 448 11.00 -1.17 16.29
C ASP A 448 10.45 0.20 16.71
N LEU A 449 9.74 0.83 15.77
CA LEU A 449 9.13 2.13 15.99
C LEU A 449 7.65 2.02 15.68
N SER A 450 6.82 2.48 16.60
CA SER A 450 5.38 2.32 16.45
C SER A 450 4.87 3.07 15.23
N LEU A 451 3.88 2.49 14.56
CA LEU A 451 3.29 3.12 13.39
C LEU A 451 2.67 4.46 13.74
N TRP A 452 2.17 4.61 14.96
CA TRP A 452 1.50 5.82 15.42
C TRP A 452 2.42 7.00 15.52
N TRP A 453 3.73 6.79 15.37
CA TRP A 453 4.65 7.90 15.24
C TRP A 453 4.44 8.68 13.95
N GLN A 454 3.65 8.14 13.03
CA GLN A 454 3.23 8.90 11.86
C GLN A 454 2.05 9.81 12.15
N VAL A 455 1.52 9.82 13.37
CA VAL A 455 0.43 10.72 13.70
C VAL A 455 0.83 12.18 13.56
N PRO A 456 1.96 12.65 14.12
CA PRO A 456 2.35 14.05 13.90
C PRO A 456 2.59 14.38 12.44
N GLN A 457 3.11 13.45 11.65
CA GLN A 457 3.36 13.70 10.24
C GLN A 457 2.11 13.55 9.37
N TYR A 458 1.05 12.94 9.89
CA TYR A 458 -0.20 12.82 9.16
C TYR A 458 -1.20 13.89 9.56
N LEU A 459 -1.33 14.18 10.86
CA LEU A 459 -2.21 15.27 11.29
C LEU A 459 -1.92 16.54 10.51
N LEU A 460 -0.65 16.93 10.45
CA LEU A 460 -0.28 18.11 9.68
C LEU A 460 -0.76 18.00 8.24
N ILE A 461 -0.48 16.87 7.58
CA ILE A 461 -0.94 16.75 6.20
C ILE A 461 -2.45 16.76 6.15
N GLY A 462 -3.12 16.20 7.16
CA GLY A 462 -4.57 16.30 7.21
C GLY A 462 -5.02 17.74 7.23
N ILE A 463 -4.37 18.56 8.06
CA ILE A 463 -4.69 19.99 8.10
C ILE A 463 -4.43 20.60 6.73
N SER A 464 -3.38 20.15 6.04
CA SER A 464 -3.14 20.62 4.69
C SER A 464 -4.34 20.38 3.81
N GLU A 465 -4.88 19.16 3.83
CA GLU A 465 -6.05 18.87 3.00
C GLU A 465 -7.28 19.61 3.49
N ILE A 466 -7.26 20.06 4.75
CA ILE A 466 -8.32 20.92 5.24
C ILE A 466 -8.25 22.28 4.55
N PHE A 467 -7.03 22.79 4.34
CA PHE A 467 -6.83 24.12 3.79
C PHE A 467 -6.48 24.08 2.30
N ALA A 468 -5.40 23.40 1.95
CA ALA A 468 -4.90 23.46 0.57
C ALA A 468 -5.84 22.75 -0.39
N SER A 469 -6.43 21.63 0.03
CA SER A 469 -7.27 20.88 -0.89
C SER A 469 -8.62 21.55 -1.09
N ILE A 470 -9.40 21.69 0.00
CA ILE A 470 -10.75 22.21 -0.11
C ILE A 470 -10.75 23.58 -0.76
N ALA A 471 -9.94 24.50 -0.24
CA ALA A 471 -9.88 25.83 -0.81
C ALA A 471 -9.47 25.80 -2.28
N GLY A 472 -8.59 24.86 -2.66
CA GLY A 472 -8.27 24.71 -4.07
C GLY A 472 -9.52 24.54 -4.91
N LEU A 473 -10.41 23.61 -4.50
CA LEU A 473 -11.67 23.44 -5.20
C LEU A 473 -12.44 24.76 -5.24
N GLU A 474 -12.50 25.47 -4.11
CA GLU A 474 -13.17 26.75 -4.10
C GLU A 474 -12.56 27.69 -5.13
N PHE A 475 -11.24 27.78 -5.17
CA PHE A 475 -10.62 28.67 -6.15
C PHE A 475 -10.84 28.17 -7.56
N ALA A 476 -10.98 26.85 -7.73
CA ALA A 476 -11.28 26.33 -9.06
C ALA A 476 -12.71 26.60 -9.47
N TYR A 477 -13.58 26.95 -8.51
CA TYR A 477 -14.97 27.23 -8.82
C TYR A 477 -15.28 28.72 -8.79
N SER A 478 -14.85 29.41 -7.74
CA SER A 478 -15.12 30.84 -7.63
C SER A 478 -14.41 31.62 -8.72
N ALA A 479 -13.15 31.29 -9.01
CA ALA A 479 -12.36 32.04 -9.97
C ALA A 479 -12.61 31.62 -11.40
N ALA A 480 -13.34 30.54 -11.63
CA ALA A 480 -13.63 30.10 -12.99
C ALA A 480 -14.66 31.03 -13.63
N PRO A 481 -14.61 31.19 -14.95
CA PRO A 481 -15.67 31.93 -15.64
C PRO A 481 -17.00 31.20 -15.49
N LYS A 482 -18.08 31.99 -15.47
CA LYS A 482 -19.41 31.44 -15.21
C LYS A 482 -19.83 30.40 -16.23
N SER A 483 -19.31 30.46 -17.45
CA SER A 483 -19.75 29.57 -18.52
C SER A 483 -18.89 28.32 -18.67
N MET A 484 -17.67 28.33 -18.14
CA MET A 484 -16.76 27.19 -18.26
C MET A 484 -16.23 26.77 -16.89
N GLN A 485 -17.14 26.64 -15.93
CA GLN A 485 -16.73 26.19 -14.60
C GLN A 485 -16.30 24.73 -14.61
N SER A 486 -17.05 23.87 -15.32
CA SER A 486 -16.67 22.47 -15.42
C SER A 486 -15.34 22.31 -16.13
N ALA A 487 -15.11 23.09 -17.20
CA ALA A 487 -13.85 23.00 -17.91
C ALA A 487 -12.68 23.45 -17.05
N ILE A 488 -12.87 24.51 -16.27
CA ILE A 488 -11.79 24.99 -15.41
C ILE A 488 -11.53 24.01 -14.28
N MET A 489 -12.57 23.38 -13.73
CA MET A 489 -12.35 22.36 -12.72
C MET A 489 -11.64 21.15 -13.30
N GLY A 490 -12.01 20.75 -14.52
CA GLY A 490 -11.30 19.67 -15.18
C GLY A 490 -9.85 20.01 -15.45
N LEU A 491 -9.57 21.27 -15.78
CA LEU A 491 -8.19 21.70 -15.97
C LEU A 491 -7.43 21.71 -14.64
N PHE A 492 -8.11 22.07 -13.56
CA PHE A 492 -7.50 22.01 -12.23
C PHE A 492 -7.12 20.57 -11.88
N PHE A 493 -8.01 19.62 -12.17
CA PHE A 493 -7.70 18.22 -11.93
C PHE A 493 -6.63 17.70 -12.88
N PHE A 494 -6.61 18.20 -14.12
CA PHE A 494 -5.57 17.83 -15.06
C PHE A 494 -4.21 18.31 -14.58
N PHE A 495 -4.13 19.51 -14.03
CA PHE A 495 -2.87 20.00 -13.48
C PHE A 495 -2.51 19.26 -12.20
N SER A 496 -3.51 18.81 -11.44
CA SER A 496 -3.24 17.90 -10.34
C SER A 496 -2.58 16.61 -10.84
N GLY A 497 -3.08 16.07 -11.95
CA GLY A 497 -2.47 14.89 -12.52
C GLY A 497 -1.09 15.14 -13.09
N VAL A 498 -0.89 16.31 -13.70
CA VAL A 498 0.44 16.70 -14.17
C VAL A 498 1.41 16.76 -13.01
N GLY A 499 0.97 17.32 -11.88
CA GLY A 499 1.79 17.31 -10.69
C GLY A 499 2.07 15.91 -10.18
N SER A 500 1.06 15.04 -10.21
CA SER A 500 1.27 13.67 -9.77
C SER A 500 2.32 12.96 -10.62
N PHE A 501 2.24 13.14 -11.94
CA PHE A 501 3.22 12.50 -12.83
C PHE A 501 4.60 13.13 -12.70
N VAL A 502 4.67 14.43 -12.47
CA VAL A 502 5.97 15.07 -12.22
C VAL A 502 6.57 14.54 -10.92
N GLY A 503 5.72 14.27 -9.93
CA GLY A 503 6.22 13.68 -8.69
C GLY A 503 6.70 12.26 -8.90
N SER A 504 5.99 11.48 -9.71
CA SER A 504 6.47 10.14 -10.04
C SER A 504 7.82 10.21 -10.76
N GLY A 505 7.96 11.14 -11.70
CA GLY A 505 9.24 11.36 -12.35
C GLY A 505 10.33 11.81 -11.42
N LEU A 506 10.01 12.64 -10.43
CA LEU A 506 11.00 13.06 -9.45
C LEU A 506 11.44 11.88 -8.57
N LEU A 507 10.50 11.03 -8.17
CA LEU A 507 10.85 9.83 -7.42
C LEU A 507 11.74 8.92 -8.24
N ALA A 508 11.46 8.78 -9.53
CA ALA A 508 12.34 8.03 -10.41
C ALA A 508 13.69 8.72 -10.57
N LEU A 509 13.73 10.04 -10.49
CA LEU A 509 15.00 10.77 -10.61
C LEU A 509 15.89 10.53 -9.41
N VAL A 510 15.34 10.62 -8.19
CA VAL A 510 16.15 10.37 -7.00
C VAL A 510 16.50 8.90 -6.85
N SER A 511 15.92 8.02 -7.66
CA SER A 511 16.24 6.60 -7.61
C SER A 511 17.45 6.23 -8.46
N ILE A 512 18.01 7.17 -9.23
CA ILE A 512 19.15 6.85 -10.06
C ILE A 512 20.39 6.62 -9.20
N LYS A 513 21.36 5.89 -9.75
CA LYS A 513 22.57 5.57 -9.00
C LYS A 513 23.39 6.82 -8.69
N ALA A 514 23.24 7.87 -9.49
CA ALA A 514 23.99 9.10 -9.25
C ALA A 514 23.59 9.72 -7.91
N ILE A 515 22.30 9.72 -7.59
CA ILE A 515 21.81 10.24 -6.32
C ILE A 515 21.69 9.08 -5.34
N GLY A 516 20.89 8.08 -5.69
CA GLY A 516 20.79 6.88 -4.89
C GLY A 516 19.95 7.00 -3.64
N TRP A 517 19.13 8.05 -3.53
CA TRP A 517 18.33 8.22 -2.33
C TRP A 517 17.32 7.10 -2.17
N MET A 518 16.67 6.70 -3.27
CA MET A 518 15.70 5.61 -3.25
C MET A 518 16.09 4.52 -4.25
N SER A 519 17.39 4.37 -4.50
CA SER A 519 17.86 3.40 -5.48
C SER A 519 17.72 1.97 -4.95
N SER A 520 17.97 1.77 -3.66
CA SER A 520 17.95 0.43 -3.09
C SER A 520 16.53 0.00 -2.73
N HIS A 521 15.61 0.13 -3.70
CA HIS A 521 14.21 -0.23 -3.50
C HIS A 521 13.74 -1.36 -4.40
N THR A 522 14.47 -1.67 -5.47
CA THR A 522 14.12 -2.76 -6.36
C THR A 522 14.92 -4.03 -6.11
N ASP A 523 16.15 -3.90 -5.61
CA ASP A 523 16.98 -5.08 -5.37
C ASP A 523 16.42 -5.93 -4.24
N PHE A 524 15.91 -5.30 -3.17
CA PHE A 524 15.37 -6.02 -2.03
C PHE A 524 13.94 -5.67 -1.70
N GLY A 525 13.46 -4.48 -2.06
CA GLY A 525 12.09 -4.10 -1.83
C GLY A 525 11.82 -3.35 -0.55
N ASN A 526 12.86 -2.94 0.18
CA ASN A 526 12.68 -2.25 1.45
C ASN A 526 13.43 -0.93 1.44
N ILE A 527 12.89 0.05 2.16
CA ILE A 527 13.45 1.39 2.22
C ILE A 527 14.42 1.49 3.38
N ASN A 528 14.80 0.34 3.95
CA ASN A 528 15.72 0.36 5.08
C ASN A 528 17.11 0.85 4.67
N GLY A 529 17.49 0.63 3.41
CA GLY A 529 18.73 1.17 2.90
C GLY A 529 18.53 2.44 2.10
N CYS A 530 17.27 2.76 1.81
CA CYS A 530 16.94 3.96 1.05
C CYS A 530 16.95 5.19 1.95
N TYR A 531 17.51 6.28 1.45
CA TYR A 531 17.50 7.55 2.18
C TYR A 531 16.18 8.27 1.93
N LEU A 532 15.12 7.74 2.54
CA LEU A 532 13.82 8.39 2.44
C LEU A 532 13.75 9.65 3.28
N ASN A 533 14.61 9.80 4.28
CA ASN A 533 14.67 11.05 5.02
C ASN A 533 15.13 12.19 4.12
N TYR A 534 16.15 11.95 3.30
CA TYR A 534 16.62 12.96 2.37
C TYR A 534 15.55 13.29 1.33
N TYR A 535 14.81 12.28 0.89
CA TYR A 535 13.72 12.54 -0.05
C TYR A 535 12.62 13.38 0.58
N PHE A 536 12.28 13.09 1.84
CA PHE A 536 11.27 13.89 2.53
C PHE A 536 11.73 15.32 2.72
N PHE A 537 13.01 15.52 3.06
CA PHE A 537 13.54 16.88 3.18
C PHE A 537 13.54 17.58 1.83
N LEU A 538 13.81 16.85 0.75
CA LEU A 538 13.73 17.43 -0.58
C LEU A 538 12.31 17.87 -0.90
N LEU A 539 11.32 17.04 -0.54
CA LEU A 539 9.93 17.42 -0.73
C LEU A 539 9.57 18.65 0.09
N ALA A 540 10.09 18.73 1.32
CA ALA A 540 9.85 19.91 2.15
C ALA A 540 10.44 21.16 1.51
N ALA A 541 11.66 21.06 0.98
CA ALA A 541 12.27 22.21 0.32
C ALA A 541 11.51 22.61 -0.93
N ILE A 542 11.08 21.62 -1.72
CA ILE A 542 10.28 21.91 -2.91
C ILE A 542 8.98 22.60 -2.52
N GLN A 543 8.34 22.13 -1.45
CA GLN A 543 7.10 22.75 -1.01
C GLN A 543 7.31 24.14 -0.43
N GLY A 544 8.44 24.38 0.22
CA GLY A 544 8.74 25.74 0.68
C GLY A 544 8.94 26.70 -0.48
N ALA A 545 9.68 26.27 -1.50
CA ALA A 545 9.84 27.10 -2.69
C ALA A 545 8.49 27.33 -3.37
N THR A 546 7.67 26.27 -3.45
CA THR A 546 6.33 26.41 -4.03
C THR A 546 5.46 27.35 -3.22
N LEU A 547 5.56 27.31 -1.89
CA LEU A 547 4.77 28.21 -1.06
C LEU A 547 5.21 29.65 -1.26
N LEU A 548 6.51 29.90 -1.39
CA LEU A 548 6.97 31.26 -1.69
C LEU A 548 6.45 31.73 -3.04
N LEU A 549 6.60 30.90 -4.07
CA LEU A 549 6.13 31.27 -5.41
C LEU A 549 4.61 31.47 -5.41
N PHE A 550 3.89 30.64 -4.66
CA PHE A 550 2.44 30.76 -4.62
C PHE A 550 2.00 31.99 -3.84
N LEU A 551 2.75 32.38 -2.81
CA LEU A 551 2.46 33.65 -2.16
C LEU A 551 2.65 34.81 -3.11
N ILE A 552 3.72 34.78 -3.92
CA ILE A 552 3.93 35.83 -4.91
C ILE A 552 2.78 35.86 -5.91
N ILE A 553 2.41 34.69 -6.44
CA ILE A 553 1.37 34.62 -7.46
C ILE A 553 0.00 34.98 -6.89
N SER A 554 -0.30 34.58 -5.66
CA SER A 554 -1.55 34.95 -5.02
C SER A 554 -1.63 36.44 -4.71
N VAL A 555 -0.52 37.05 -4.32
CA VAL A 555 -0.49 38.50 -4.16
C VAL A 555 -0.75 39.21 -5.48
N LYS A 556 -0.13 38.72 -6.56
CA LYS A 556 -0.39 39.31 -7.88
C LYS A 556 -1.84 39.11 -8.31
N TYR A 557 -2.41 37.94 -8.02
CA TYR A 557 -3.77 37.63 -8.47
C TYR A 557 -4.79 38.57 -7.83
N ASP A 558 -4.67 38.82 -6.53
CA ASP A 558 -5.59 39.70 -5.83
C ASP A 558 -5.16 41.16 -5.87
N HIS A 559 -4.06 41.47 -6.56
CA HIS A 559 -3.56 42.84 -6.70
C HIS A 559 -3.33 43.50 -5.34
N GLN B 1 32.00 -17.27 8.81
CA GLN B 1 32.53 -17.70 10.10
C GLN B 1 31.48 -17.56 11.19
N VAL B 2 30.22 -17.47 10.79
CA VAL B 2 29.12 -17.37 11.75
C VAL B 2 28.93 -18.75 12.38
N GLN B 3 29.21 -18.84 13.68
CA GLN B 3 29.17 -20.12 14.39
C GLN B 3 28.20 -20.01 15.55
N LEU B 4 27.21 -20.88 15.58
CA LEU B 4 26.26 -20.99 16.69
C LEU B 4 26.58 -22.29 17.42
N GLN B 5 27.52 -22.22 18.34
CA GLN B 5 27.96 -23.39 19.08
C GLN B 5 26.86 -23.90 20.00
N GLN B 6 26.67 -25.21 20.01
CA GLN B 6 25.67 -25.89 20.81
C GLN B 6 26.32 -26.99 21.64
N PRO B 7 25.77 -27.32 22.81
CA PRO B 7 26.47 -28.26 23.68
C PRO B 7 26.38 -29.71 23.21
N GLY B 8 25.24 -30.13 22.69
CA GLY B 8 25.05 -31.53 22.35
C GLY B 8 24.02 -32.19 23.24
N THR B 9 24.33 -33.38 23.76
CA THR B 9 23.38 -34.08 24.61
C THR B 9 23.11 -33.28 25.87
N GLU B 10 21.84 -33.25 26.28
CA GLU B 10 21.39 -32.49 27.44
C GLU B 10 20.44 -33.34 28.29
N LEU B 11 20.88 -34.55 28.62
CA LEU B 11 20.04 -35.46 29.41
C LEU B 11 19.66 -34.82 30.73
N VAL B 12 18.36 -34.88 31.05
CA VAL B 12 17.80 -34.31 32.27
C VAL B 12 16.72 -35.27 32.79
N ARG B 13 16.08 -34.87 33.88
CA ARG B 13 14.99 -35.66 34.46
C ARG B 13 13.67 -34.93 34.28
N PRO B 14 12.56 -35.66 34.14
CA PRO B 14 11.27 -35.01 33.97
C PRO B 14 10.90 -34.13 35.16
N GLY B 15 10.27 -33.00 34.86
CA GLY B 15 9.85 -32.06 35.89
C GLY B 15 10.90 -31.05 36.29
N ALA B 16 12.11 -31.14 35.77
CA ALA B 16 13.18 -30.21 36.10
C ALA B 16 13.08 -28.98 35.22
N SER B 17 14.12 -28.15 35.23
CA SER B 17 14.22 -26.98 34.35
C SER B 17 15.43 -27.17 33.45
N VAL B 18 15.26 -26.91 32.16
CA VAL B 18 16.30 -27.13 31.16
C VAL B 18 16.66 -25.79 30.53
N LYS B 19 17.94 -25.49 30.46
CA LYS B 19 18.41 -24.25 29.84
C LYS B 19 19.40 -24.60 28.73
N LEU B 20 18.87 -24.82 27.53
CA LEU B 20 19.72 -25.04 26.37
C LEU B 20 20.41 -23.74 25.99
N SER B 21 21.70 -23.81 25.71
CA SER B 21 22.50 -22.64 25.39
C SER B 21 22.93 -22.68 23.93
N CYS B 22 23.15 -21.51 23.35
CA CYS B 22 23.65 -21.37 22.00
C CYS B 22 24.61 -20.20 21.96
N LYS B 23 25.91 -20.49 21.89
CA LYS B 23 26.93 -19.43 21.88
C LYS B 23 27.08 -18.92 20.46
N ALA B 24 26.62 -17.70 20.22
CA ALA B 24 26.68 -17.10 18.90
C ALA B 24 27.96 -16.28 18.77
N SER B 25 28.80 -16.62 17.78
CA SER B 25 30.08 -15.96 17.61
C SER B 25 30.36 -15.81 16.13
N GLY B 26 31.31 -14.93 15.82
CA GLY B 26 31.67 -14.63 14.45
C GLY B 26 30.82 -13.60 13.76
N TYR B 27 29.89 -12.97 14.47
CA TYR B 27 29.02 -11.96 13.89
C TYR B 27 28.50 -11.06 14.98
N SER B 28 27.95 -9.92 14.57
CA SER B 28 27.33 -8.98 15.50
C SER B 28 26.09 -9.63 16.10
N PHE B 29 26.18 -10.00 17.38
CA PHE B 29 25.13 -10.81 18.00
C PHE B 29 23.80 -10.07 18.05
N THR B 30 23.82 -8.78 18.35
CA THR B 30 22.62 -8.04 18.73
C THR B 30 21.91 -7.40 17.53
N ARG B 31 22.02 -7.99 16.34
CA ARG B 31 21.37 -7.43 15.16
C ARG B 31 20.49 -8.42 14.42
N TYR B 32 20.57 -9.71 14.71
CA TYR B 32 19.79 -10.73 14.02
C TYR B 32 18.94 -11.49 15.04
N TRP B 33 17.72 -11.84 14.64
CA TRP B 33 16.85 -12.63 15.49
C TRP B 33 17.40 -14.04 15.62
N MET B 34 17.52 -14.53 16.86
CA MET B 34 17.93 -15.89 17.12
C MET B 34 16.68 -16.70 17.41
N ASN B 35 16.33 -17.61 16.50
CA ASN B 35 15.18 -18.47 16.63
C ASN B 35 15.61 -19.82 17.16
N TRP B 36 14.65 -20.54 17.76
CA TRP B 36 14.88 -21.90 18.22
C TRP B 36 13.89 -22.81 17.52
N VAL B 37 14.39 -23.93 16.99
CA VAL B 37 13.57 -24.90 16.29
C VAL B 37 13.76 -26.24 16.99
N LYS B 38 12.72 -27.06 16.96
CA LYS B 38 12.72 -28.36 17.61
C LYS B 38 12.35 -29.43 16.60
N GLN B 39 13.21 -30.44 16.46
CA GLN B 39 12.97 -31.55 15.56
C GLN B 39 12.85 -32.82 16.38
N ARG B 40 11.66 -33.41 16.41
CA ARG B 40 11.49 -34.70 17.03
C ARG B 40 12.11 -35.78 16.14
N PRO B 41 12.52 -36.91 16.73
CA PRO B 41 13.20 -37.94 15.92
C PRO B 41 12.40 -38.42 14.73
N GLY B 42 11.08 -38.51 14.85
CA GLY B 42 10.27 -39.01 13.76
C GLY B 42 9.23 -38.05 13.23
N GLN B 43 9.45 -36.75 13.42
CA GLN B 43 8.55 -35.73 12.90
C GLN B 43 9.40 -34.65 12.22
N GLY B 44 8.73 -33.58 11.79
CA GLY B 44 9.41 -32.47 11.16
C GLY B 44 9.80 -31.38 12.14
N LEU B 45 10.39 -30.33 11.60
CA LEU B 45 10.83 -29.21 12.42
C LEU B 45 9.65 -28.40 12.91
N GLU B 46 9.82 -27.77 14.08
CA GLU B 46 8.80 -26.93 14.71
C GLU B 46 9.48 -25.68 15.22
N TRP B 47 9.16 -24.54 14.62
CA TRP B 47 9.75 -23.28 15.06
C TRP B 47 9.16 -22.89 16.41
N ILE B 48 10.00 -22.81 17.42
CA ILE B 48 9.55 -22.55 18.79
C ILE B 48 10.24 -21.28 19.28
N GLY B 49 9.64 -20.13 18.99
CA GLY B 49 10.13 -18.88 19.51
C GLY B 49 11.34 -18.27 18.81
N MET B 50 11.38 -16.94 18.79
CA MET B 50 12.53 -16.16 18.34
C MET B 50 12.78 -15.09 19.39
N VAL B 51 14.03 -14.65 19.49
CA VAL B 51 14.39 -13.57 20.41
C VAL B 51 15.37 -12.65 19.71
N HIS B 52 15.18 -11.34 19.84
CA HIS B 52 16.15 -10.40 19.32
C HIS B 52 17.10 -10.00 20.42
N PRO B 53 18.38 -10.35 20.33
CA PRO B 53 19.29 -10.10 21.44
C PRO B 53 19.76 -8.64 21.52
N SER B 54 18.83 -7.72 21.34
CA SER B 54 19.04 -6.30 21.56
C SER B 54 18.00 -5.71 22.52
N ASP B 55 16.75 -6.14 22.39
CA ASP B 55 15.70 -5.80 23.34
C ASP B 55 15.16 -7.02 24.06
N SER B 56 15.62 -8.22 23.70
CA SER B 56 15.11 -9.47 24.23
C SER B 56 13.60 -9.57 24.02
N GLU B 57 13.13 -9.13 22.85
CA GLU B 57 11.73 -9.22 22.50
C GLU B 57 11.46 -10.60 21.92
N THR B 58 10.92 -11.49 22.74
CA THR B 58 10.74 -12.88 22.35
C THR B 58 9.37 -13.06 21.71
N ARG B 59 9.36 -13.51 20.46
CA ARG B 59 8.13 -13.82 19.75
C ARG B 59 7.89 -15.33 19.79
N LEU B 60 7.44 -15.80 20.95
CA LEU B 60 7.30 -17.23 21.18
C LEU B 60 6.18 -17.83 20.33
N ASN B 61 6.29 -19.12 20.07
CA ASN B 61 5.24 -19.88 19.43
C ASN B 61 4.12 -20.14 20.44
N GLN B 62 2.88 -20.10 19.97
CA GLN B 62 1.75 -20.29 20.88
C GLN B 62 1.66 -21.73 21.38
N ASN B 63 2.04 -22.70 20.54
CA ASN B 63 2.07 -24.08 21.01
C ASN B 63 3.12 -24.28 22.08
N PHE B 64 4.16 -23.45 22.09
CA PHE B 64 5.25 -23.58 23.06
C PHE B 64 5.23 -22.48 24.10
N LYS B 65 4.06 -21.87 24.34
CA LYS B 65 3.95 -20.93 25.44
C LYS B 65 3.96 -21.69 26.77
N ASP B 66 4.62 -21.09 27.75
CA ASP B 66 4.72 -21.58 29.12
C ASP B 66 5.61 -22.83 29.20
N LYS B 67 5.93 -23.42 28.04
CA LYS B 67 7.01 -24.38 27.95
C LYS B 67 8.37 -23.71 27.78
N ALA B 68 8.54 -23.02 26.66
CA ALA B 68 9.80 -22.38 26.31
C ALA B 68 9.84 -20.96 26.84
N THR B 69 11.04 -20.51 27.21
CA THR B 69 11.29 -19.15 27.64
C THR B 69 12.63 -18.75 27.05
N LEU B 70 12.62 -17.82 26.11
CA LEU B 70 13.81 -17.45 25.37
C LEU B 70 14.47 -16.24 26.05
N THR B 71 15.71 -16.43 26.47
CA THR B 71 16.48 -15.40 27.14
C THR B 71 17.76 -15.18 26.35
N VAL B 72 18.42 -14.05 26.60
CA VAL B 72 19.69 -13.75 25.94
C VAL B 72 20.65 -13.17 26.96
N ASP B 73 21.88 -13.67 26.96
CA ASP B 73 22.98 -13.10 27.73
C ASP B 73 23.87 -12.37 26.74
N LYS B 74 23.69 -11.05 26.66
CA LYS B 74 24.45 -10.26 25.68
C LYS B 74 25.91 -10.12 26.07
N SER B 75 26.22 -10.22 27.36
CA SER B 75 27.61 -10.08 27.80
C SER B 75 28.49 -11.17 27.21
N SER B 76 28.02 -12.42 27.23
CA SER B 76 28.74 -13.54 26.65
C SER B 76 28.27 -13.88 25.24
N SER B 77 27.30 -13.12 24.71
CA SER B 77 26.75 -13.35 23.38
C SER B 77 26.21 -14.77 23.25
N ILE B 78 25.29 -15.12 24.14
CA ILE B 78 24.69 -16.45 24.21
C ILE B 78 23.18 -16.29 24.19
N ALA B 79 22.50 -17.21 23.51
CA ALA B 79 21.04 -17.27 23.53
C ALA B 79 20.62 -18.53 24.28
N TYR B 80 19.84 -18.35 25.33
CA TYR B 80 19.35 -19.44 26.15
C TYR B 80 17.88 -19.69 25.85
N MET B 81 17.47 -20.94 25.91
CA MET B 81 16.06 -21.30 25.85
C MET B 81 15.78 -22.27 26.99
N GLN B 82 14.79 -21.95 27.81
CA GLN B 82 14.50 -22.72 29.01
C GLN B 82 13.16 -23.41 28.86
N LEU B 83 13.16 -24.73 29.00
CA LEU B 83 11.94 -25.51 29.10
C LEU B 83 11.64 -25.78 30.57
N SER B 84 10.43 -25.48 30.99
CA SER B 84 9.98 -25.68 32.36
C SER B 84 9.11 -26.93 32.42
N SER B 85 9.48 -27.86 33.30
CA SER B 85 8.80 -29.15 33.43
C SER B 85 8.70 -29.85 32.08
N PRO B 86 9.82 -30.36 31.55
CA PRO B 86 9.76 -31.04 30.24
C PRO B 86 9.31 -32.48 30.42
N THR B 87 8.17 -32.82 29.81
CA THR B 87 7.62 -34.16 29.90
C THR B 87 8.34 -35.08 28.91
N SER B 88 7.82 -36.29 28.73
CA SER B 88 8.47 -37.28 27.88
C SER B 88 8.47 -36.88 26.41
N GLU B 89 7.56 -36.01 25.99
CA GLU B 89 7.46 -35.60 24.60
C GLU B 89 8.31 -34.37 24.28
N ASP B 90 9.07 -33.86 25.24
CA ASP B 90 9.95 -32.72 25.01
C ASP B 90 11.36 -33.14 24.59
N SER B 91 11.61 -34.44 24.47
CA SER B 91 12.91 -34.94 24.06
C SER B 91 13.04 -34.87 22.55
N ALA B 92 13.97 -34.06 22.06
CA ALA B 92 14.13 -33.82 20.62
C ALA B 92 15.44 -33.07 20.42
N VAL B 93 15.75 -32.79 19.15
CA VAL B 93 16.95 -32.04 18.79
C VAL B 93 16.55 -30.59 18.63
N TYR B 94 17.08 -29.73 19.49
CA TYR B 94 16.77 -28.30 19.47
C TYR B 94 17.91 -27.58 18.77
N TYR B 95 17.61 -27.04 17.59
CA TYR B 95 18.56 -26.21 16.86
C TYR B 95 18.34 -24.76 17.24
N CYS B 96 19.44 -24.02 17.36
CA CYS B 96 19.38 -22.57 17.49
C CYS B 96 19.70 -22.00 16.13
N ALA B 97 18.67 -21.63 15.39
CA ALA B 97 18.85 -21.03 14.09
C ALA B 97 19.03 -19.53 14.25
N ARG B 98 19.80 -18.94 13.34
CA ARG B 98 19.78 -17.50 13.21
C ARG B 98 18.65 -17.13 12.26
N TRP B 99 18.49 -15.84 11.98
CA TRP B 99 17.56 -15.38 10.97
C TRP B 99 18.28 -14.32 10.16
N GLY B 100 18.61 -14.65 8.91
CA GLY B 100 19.39 -13.70 8.15
C GLY B 100 18.47 -12.67 7.53
N ALA B 101 18.29 -11.57 8.25
CA ALA B 101 17.49 -10.44 7.80
C ALA B 101 17.75 -9.28 8.74
N TYR B 102 18.18 -8.14 8.20
CA TYR B 102 18.45 -6.98 9.03
C TYR B 102 18.43 -5.75 8.13
N TYR B 103 18.97 -4.64 8.62
CA TYR B 103 18.99 -3.37 7.91
C TYR B 103 19.44 -3.55 6.46
N LYS B 104 18.56 -3.18 5.54
CA LYS B 104 18.77 -3.12 4.09
C LYS B 104 18.75 -4.49 3.42
N TYR B 105 18.74 -5.59 4.16
CA TYR B 105 18.90 -6.93 3.59
C TYR B 105 17.66 -7.76 3.86
N ASP B 106 16.85 -7.96 2.83
CA ASP B 106 15.63 -8.76 2.91
C ASP B 106 15.89 -10.22 2.54
N TRP B 107 16.87 -10.84 3.21
CA TRP B 107 17.23 -12.21 2.88
C TRP B 107 16.16 -13.19 3.34
N ASP B 108 15.76 -13.11 4.62
CA ASP B 108 14.62 -13.85 5.15
C ASP B 108 14.80 -15.36 4.97
N TYR B 109 15.82 -15.89 5.65
CA TYR B 109 15.98 -17.33 5.78
C TYR B 109 16.75 -17.60 7.06
N PHE B 110 16.73 -18.85 7.51
CA PHE B 110 17.32 -19.17 8.79
C PHE B 110 18.84 -19.15 8.77
N ASP B 111 19.46 -19.01 7.61
CA ASP B 111 20.88 -18.71 7.50
C ASP B 111 21.76 -19.74 8.18
N SER B 112 22.25 -19.42 9.38
CA SER B 112 23.18 -20.28 10.11
C SER B 112 22.46 -20.96 11.26
N TRP B 113 22.61 -22.28 11.34
CA TRP B 113 21.99 -23.08 12.38
C TRP B 113 23.04 -23.57 13.37
N GLY B 114 22.57 -23.96 14.55
CA GLY B 114 23.42 -24.64 15.49
C GLY B 114 23.47 -26.13 15.22
N GLN B 115 24.43 -26.80 15.84
CA GLN B 115 24.58 -28.23 15.65
C GLN B 115 23.39 -29.01 16.21
N GLY B 116 22.61 -28.41 17.11
CA GLY B 116 21.45 -29.07 17.66
C GLY B 116 21.73 -29.82 18.94
N THR B 117 21.08 -29.40 20.03
CA THR B 117 21.24 -30.07 21.32
C THR B 117 20.16 -31.13 21.48
N THR B 118 20.56 -32.36 21.75
CA THR B 118 19.63 -33.49 21.81
C THR B 118 19.14 -33.63 23.24
N LEU B 119 18.03 -32.97 23.55
CA LEU B 119 17.46 -33.02 24.89
C LEU B 119 16.73 -34.35 25.05
N THR B 120 17.15 -35.14 26.04
CA THR B 120 16.53 -36.42 26.37
C THR B 120 16.08 -36.40 27.82
N VAL B 121 14.86 -36.87 28.06
CA VAL B 121 14.32 -36.91 29.42
C VAL B 121 14.05 -38.35 29.84
N ASP C 1 -0.91 -19.95 12.07
CA ASP C 1 -0.61 -21.37 11.99
C ASP C 1 -0.96 -21.93 10.62
N ILE C 2 -0.06 -21.75 9.66
CA ILE C 2 -0.24 -22.23 8.30
C ILE C 2 0.29 -23.66 8.25
N VAL C 3 -0.60 -24.63 8.18
CA VAL C 3 -0.19 -26.03 8.09
C VAL C 3 0.41 -26.24 6.72
N MET C 4 1.75 -26.40 6.67
CA MET C 4 2.50 -26.40 5.42
C MET C 4 2.74 -27.86 5.06
N THR C 5 1.79 -28.44 4.32
CA THR C 5 1.75 -29.88 4.12
C THR C 5 2.67 -30.31 2.99
N GLN C 6 3.58 -31.24 3.28
CA GLN C 6 4.38 -31.93 2.28
C GLN C 6 3.85 -33.36 2.21
N SER C 7 2.89 -33.58 1.30
CA SER C 7 2.12 -34.82 1.29
C SER C 7 2.98 -36.04 0.97
N GLN C 8 4.08 -35.88 0.25
CA GLN C 8 4.95 -36.99 -0.11
C GLN C 8 6.08 -37.05 0.90
N LYS C 9 6.00 -38.01 1.84
CA LYS C 9 7.00 -38.12 2.88
C LYS C 9 8.32 -38.67 2.36
N PHE C 10 8.26 -39.61 1.41
CA PHE C 10 9.45 -40.27 0.88
C PHE C 10 9.46 -40.17 -0.63
N MET C 11 10.51 -39.58 -1.18
CA MET C 11 10.76 -39.63 -2.62
C MET C 11 11.92 -40.57 -2.92
N SER C 12 11.67 -41.52 -3.82
CA SER C 12 12.70 -42.42 -4.30
C SER C 12 13.14 -41.98 -5.69
N THR C 13 14.44 -41.70 -5.82
CA THR C 13 14.97 -41.19 -7.07
C THR C 13 16.29 -41.90 -7.37
N SER C 14 16.78 -41.71 -8.59
CA SER C 14 18.04 -42.30 -9.02
C SER C 14 19.01 -41.19 -9.40
N VAL C 15 20.30 -41.52 -9.33
CA VAL C 15 21.34 -40.55 -9.66
C VAL C 15 21.19 -40.14 -11.12
N GLY C 16 21.19 -38.83 -11.37
CA GLY C 16 21.00 -38.31 -12.70
C GLY C 16 19.56 -38.08 -13.10
N ASP C 17 18.60 -38.44 -12.25
CA ASP C 17 17.19 -38.25 -12.55
C ASP C 17 16.72 -36.91 -12.00
N ARG C 18 15.41 -36.66 -12.08
CA ARG C 18 14.82 -35.41 -11.61
C ARG C 18 13.69 -35.72 -10.64
N VAL C 19 13.70 -35.07 -9.49
CA VAL C 19 12.66 -35.24 -8.49
C VAL C 19 12.16 -33.85 -8.09
N SER C 20 10.84 -33.68 -8.06
CA SER C 20 10.22 -32.41 -7.72
C SER C 20 9.40 -32.60 -6.46
N VAL C 21 9.96 -32.21 -5.32
CA VAL C 21 9.22 -32.26 -4.06
C VAL C 21 8.24 -31.10 -4.02
N THR C 22 7.06 -31.34 -3.47
CA THR C 22 5.98 -30.36 -3.47
C THR C 22 5.65 -29.94 -2.04
N CYS C 23 4.99 -28.80 -1.93
CA CYS C 23 4.68 -28.23 -0.62
C CYS C 23 3.47 -27.32 -0.76
N LYS C 24 2.34 -27.73 -0.19
CA LYS C 24 1.08 -27.00 -0.31
C LYS C 24 0.81 -26.25 0.98
N ALA C 25 0.88 -24.92 0.92
CA ALA C 25 0.60 -24.10 2.09
C ALA C 25 -0.90 -24.12 2.41
N SER C 26 -1.22 -23.95 3.68
CA SER C 26 -2.62 -23.90 4.09
C SER C 26 -3.31 -22.66 3.54
N GLN C 27 -2.58 -21.54 3.55
CA GLN C 27 -3.16 -20.26 3.06
C GLN C 27 -2.27 -19.66 1.97
N ASN C 28 -2.60 -18.46 1.52
CA ASN C 28 -1.82 -17.76 0.49
C ASN C 28 -0.57 -17.20 1.16
N VAL C 29 0.48 -18.02 1.18
CA VAL C 29 1.75 -17.60 1.77
C VAL C 29 2.41 -16.52 0.91
N GLY C 30 2.31 -16.65 -0.41
CA GLY C 30 3.05 -15.80 -1.30
C GLY C 30 4.44 -16.33 -1.54
N THR C 31 5.29 -15.48 -2.11
CA THR C 31 6.68 -15.86 -2.36
C THR C 31 7.50 -15.77 -1.07
N ASN C 32 7.01 -16.47 -0.05
CA ASN C 32 7.53 -16.42 1.31
C ASN C 32 7.82 -17.82 1.83
N VAL C 33 8.50 -18.63 1.02
CA VAL C 33 8.80 -20.01 1.37
C VAL C 33 10.28 -20.27 1.19
N VAL C 34 10.90 -20.88 2.20
CA VAL C 34 12.31 -21.23 2.19
C VAL C 34 12.41 -22.76 2.22
N TRP C 35 13.24 -23.29 1.33
CA TRP C 35 13.51 -24.72 1.26
C TRP C 35 14.87 -24.98 1.89
N TYR C 36 14.89 -25.85 2.90
CA TYR C 36 16.08 -26.27 3.60
C TYR C 36 16.39 -27.73 3.27
N GLN C 37 17.67 -28.08 3.40
CA GLN C 37 18.16 -29.42 3.08
C GLN C 37 18.92 -29.96 4.28
N GLN C 38 18.25 -30.75 5.13
CA GLN C 38 18.90 -31.36 6.28
C GLN C 38 19.51 -32.68 5.84
N LYS C 39 20.84 -32.70 5.74
CA LYS C 39 21.55 -33.92 5.43
C LYS C 39 21.53 -34.84 6.65
N PRO C 40 21.77 -36.14 6.46
CA PRO C 40 21.74 -37.06 7.60
C PRO C 40 22.73 -36.65 8.68
N GLY C 41 22.23 -36.49 9.90
CA GLY C 41 23.07 -36.07 11.01
C GLY C 41 23.66 -34.70 10.86
N GLN C 42 22.88 -33.73 10.36
CA GLN C 42 23.34 -32.37 10.19
C GLN C 42 22.17 -31.42 10.37
N SER C 43 22.50 -30.17 10.70
CA SER C 43 21.47 -29.15 10.81
C SER C 43 20.99 -28.75 9.41
N PRO C 44 19.71 -28.37 9.28
CA PRO C 44 19.20 -27.96 7.97
C PRO C 44 19.98 -26.77 7.43
N LYS C 45 20.21 -26.78 6.13
CA LYS C 45 20.92 -25.71 5.45
C LYS C 45 19.98 -25.09 4.43
N VAL C 46 19.89 -23.76 4.44
CA VAL C 46 18.97 -23.06 3.54
C VAL C 46 19.40 -23.34 2.11
N LEU C 47 18.46 -23.87 1.32
CA LEU C 47 18.69 -24.12 -0.09
C LEU C 47 18.11 -23.03 -0.98
N ILE C 48 16.86 -22.64 -0.74
CA ILE C 48 16.18 -21.73 -1.65
C ILE C 48 15.26 -20.79 -0.86
N TYR C 49 15.57 -19.50 -0.86
CA TYR C 49 14.72 -18.54 -0.18
C TYR C 49 13.77 -17.88 -1.18
N SER C 50 12.68 -17.33 -0.65
CA SER C 50 11.61 -16.70 -1.42
C SER C 50 10.98 -17.66 -2.43
N ALA C 51 11.19 -18.96 -2.27
CA ALA C 51 10.54 -20.01 -3.05
C ALA C 51 11.02 -20.07 -4.50
N SER C 52 11.81 -19.09 -4.92
CA SER C 52 12.29 -19.08 -6.30
C SER C 52 13.76 -18.72 -6.44
N TYR C 53 14.43 -18.37 -5.36
CA TYR C 53 15.80 -17.87 -5.43
C TYR C 53 16.76 -19.02 -5.16
N ARG C 54 18.04 -18.69 -5.01
CA ARG C 54 19.06 -19.71 -4.79
C ARG C 54 20.12 -19.16 -3.85
N TYR C 55 20.34 -19.84 -2.74
CA TYR C 55 21.38 -19.45 -1.80
C TYR C 55 22.75 -19.63 -2.43
N SER C 56 23.73 -18.89 -1.91
CA SER C 56 25.08 -18.97 -2.43
C SER C 56 25.68 -20.33 -2.14
N GLY C 57 26.13 -21.02 -3.17
CA GLY C 57 26.69 -22.36 -3.05
C GLY C 57 25.78 -23.46 -3.54
N VAL C 58 24.51 -23.18 -3.77
CA VAL C 58 23.60 -24.20 -4.34
C VAL C 58 24.05 -24.52 -5.77
N PRO C 59 24.15 -25.80 -6.14
CA PRO C 59 24.78 -26.15 -7.43
C PRO C 59 23.92 -25.86 -8.66
N ASP C 60 22.84 -25.09 -8.47
CA ASP C 60 22.02 -24.55 -9.56
C ASP C 60 21.17 -25.62 -10.23
N ARG C 61 21.39 -26.89 -9.87
CA ARG C 61 20.46 -27.94 -10.30
C ARG C 61 19.19 -27.94 -9.46
N ILE C 62 19.25 -27.38 -8.25
CA ILE C 62 18.12 -27.36 -7.33
C ILE C 62 17.39 -26.03 -7.55
N THR C 63 16.35 -26.07 -8.37
CA THR C 63 15.55 -24.88 -8.66
C THR C 63 14.30 -24.88 -7.80
N GLY C 64 13.74 -23.69 -7.62
CA GLY C 64 12.52 -23.53 -6.85
C GLY C 64 11.50 -22.75 -7.64
N SER C 65 10.23 -23.06 -7.37
CA SER C 65 9.14 -22.41 -8.07
C SER C 65 7.89 -22.48 -7.21
N GLY C 66 6.84 -21.84 -7.68
CA GLY C 66 5.58 -21.82 -6.97
C GLY C 66 5.36 -20.50 -6.24
N SER C 67 4.11 -20.30 -5.84
CA SER C 67 3.71 -19.05 -5.20
C SER C 67 2.29 -19.20 -4.70
N GLY C 68 2.00 -18.51 -3.59
CA GLY C 68 0.66 -18.55 -3.04
C GLY C 68 0.46 -19.76 -2.15
N THR C 69 -0.19 -20.79 -2.69
CA THR C 69 -0.48 -22.01 -1.94
C THR C 69 0.48 -23.15 -2.26
N ASP C 70 0.86 -23.31 -3.52
CA ASP C 70 1.67 -24.45 -3.95
C ASP C 70 3.08 -23.99 -4.29
N PHE C 71 4.07 -24.76 -3.80
CA PHE C 71 5.48 -24.52 -4.04
C PHE C 71 6.14 -25.84 -4.40
N THR C 72 7.28 -25.75 -5.09
CA THR C 72 7.94 -26.95 -5.60
C THR C 72 9.44 -26.72 -5.65
N LEU C 73 10.19 -27.70 -5.16
CA LEU C 73 11.65 -27.73 -5.26
C LEU C 73 12.03 -28.87 -6.19
N THR C 74 12.62 -28.53 -7.34
CA THR C 74 12.93 -29.50 -8.37
C THR C 74 14.44 -29.66 -8.49
N ILE C 75 14.92 -30.89 -8.36
CA ILE C 75 16.31 -31.23 -8.61
C ILE C 75 16.36 -32.04 -9.90
N SER C 76 16.94 -31.45 -10.94
CA SER C 76 16.95 -32.07 -12.27
C SER C 76 18.20 -32.89 -12.53
N ASN C 77 19.20 -32.81 -11.67
CA ASN C 77 20.47 -33.51 -11.85
C ASN C 77 20.90 -34.15 -10.53
N VAL C 78 20.00 -34.94 -9.94
CA VAL C 78 20.23 -35.53 -8.63
C VAL C 78 21.55 -36.30 -8.60
N GLN C 79 22.48 -35.84 -7.76
CA GLN C 79 23.71 -36.57 -7.46
C GLN C 79 23.51 -37.41 -6.20
N SER C 80 24.60 -38.02 -5.73
CA SER C 80 24.57 -38.75 -4.47
C SER C 80 24.57 -37.83 -3.25
N GLU C 81 24.91 -36.55 -3.44
CA GLU C 81 24.92 -35.62 -2.32
C GLU C 81 23.52 -35.22 -1.90
N ASP C 82 22.55 -35.27 -2.82
CA ASP C 82 21.19 -34.86 -2.52
C ASP C 82 20.42 -35.99 -1.86
N LEU C 83 20.97 -36.56 -0.80
CA LEU C 83 20.30 -37.58 0.02
C LEU C 83 20.02 -36.92 1.36
N ALA C 84 18.89 -36.21 1.45
CA ALA C 84 18.62 -35.39 2.61
C ALA C 84 17.13 -35.12 2.69
N GLU C 85 16.68 -34.69 3.87
CA GLU C 85 15.29 -34.31 4.07
C GLU C 85 15.11 -32.86 3.70
N TYR C 86 14.13 -32.58 2.85
CA TYR C 86 13.89 -31.23 2.35
C TYR C 86 12.69 -30.63 3.07
N PHE C 87 12.89 -29.49 3.70
CA PHE C 87 11.90 -28.87 4.57
C PHE C 87 11.39 -27.58 3.94
N CYS C 88 10.08 -27.41 3.94
CA CYS C 88 9.41 -26.26 3.35
C CYS C 88 8.92 -25.38 4.49
N GLN C 89 9.56 -24.25 4.71
CA GLN C 89 9.22 -23.33 5.78
C GLN C 89 8.55 -22.09 5.21
N GLN C 90 7.54 -21.58 5.90
CA GLN C 90 6.91 -20.32 5.54
C GLN C 90 7.25 -19.27 6.59
N TYR C 91 7.64 -18.09 6.13
CA TYR C 91 7.84 -16.95 7.02
C TYR C 91 6.81 -15.86 6.78
N ASN C 92 5.74 -16.19 6.04
CA ASN C 92 4.68 -15.19 5.71
C ASN C 92 3.87 -14.82 6.95
N ASN C 93 3.65 -15.76 7.87
CA ASN C 93 2.88 -15.51 9.07
C ASN C 93 3.53 -16.20 10.25
N PHE C 94 3.30 -15.65 11.43
CA PHE C 94 3.80 -16.28 12.65
C PHE C 94 2.74 -17.19 13.25
N PRO C 95 3.12 -18.33 13.82
CA PRO C 95 4.49 -18.86 13.94
C PRO C 95 5.01 -19.43 12.64
N TYR C 96 6.33 -19.43 12.42
CA TYR C 96 6.87 -20.07 11.23
C TYR C 96 6.62 -21.57 11.31
N THR C 97 6.11 -22.13 10.21
CA THR C 97 5.77 -23.54 10.16
C THR C 97 6.55 -24.21 9.04
N PHE C 98 7.17 -25.34 9.36
CA PHE C 98 7.92 -26.11 8.39
C PHE C 98 7.04 -27.17 7.75
N GLY C 99 7.50 -27.70 6.64
CA GLY C 99 6.86 -28.84 6.04
C GLY C 99 7.14 -30.10 6.83
N GLY C 100 6.37 -31.15 6.51
CA GLY C 100 6.57 -32.43 7.18
C GLY C 100 7.93 -33.05 6.91
N GLY C 101 8.62 -32.58 5.88
CA GLY C 101 9.93 -33.12 5.53
C GLY C 101 9.84 -34.18 4.47
N THR C 102 10.64 -34.04 3.41
CA THR C 102 10.69 -35.00 2.32
C THR C 102 12.14 -35.39 2.10
N ASN C 103 12.43 -36.68 2.21
CA ASN C 103 13.80 -37.19 2.12
C ASN C 103 13.98 -38.02 0.87
N LEU C 104 15.04 -37.71 0.11
CA LEU C 104 15.33 -38.42 -1.11
C LEU C 104 15.93 -39.78 -0.82
N GLU C 105 15.33 -40.84 -1.36
CA GLU C 105 15.84 -42.19 -1.23
C GLU C 105 16.52 -42.56 -2.55
N ILE C 106 17.82 -42.33 -2.62
CA ILE C 106 18.56 -42.59 -3.85
C ILE C 106 18.66 -44.10 -4.06
N LYS C 107 18.25 -44.55 -5.24
CA LYS C 107 18.25 -45.97 -5.56
C LYS C 107 19.26 -46.29 -6.66
#